data_9R3K
#
_entry.id   9R3K
#
_cell.length_a   131.222
_cell.length_b   222.163
_cell.length_c   86.039
_cell.angle_alpha   90.000
_cell.angle_beta   90.000
_cell.angle_gamma   90.000
#
_symmetry.space_group_name_H-M   'C 2 2 2'
#
loop_
_entity.id
_entity.type
_entity.pdbx_description
1 polymer 'Amine oxidase [flavin-containing] B'
2 non-polymer 'FLAVIN-ADENINE DINUCLEOTIDE'
3 non-polymer (~{E})-3-[3-[oxidanyl(oxidanylidene)-$l^{4}-azanyl]phenyl]-1-[3-(trifluoromethyl)phenyl]prop-2-en-1-one
4 non-polymer N-DODECYL-N,N-DIMETHYL-3-AMMONIO-1-PROPANESULFONATE
5 water water
#
_entity_poly.entity_id   1
_entity_poly.type   'polypeptide(L)'
_entity_poly.pdbx_seq_one_letter_code
;SNKCDVVVVGGGISGMAAAKLLHDSGLNVVVLEARDRVGGRTYTLRNQKVKYVDLGGSYVGPTQNRILRLAKELGLETYK
VNEVERLIHHVKGKSYPFRGPFPPVWNPITYLDHNNFWRTMDDMGREIPSDAPWKAPLAEEWDNMTMKELLDKLCWTESA
KQLATLFVNLCVTAETHEVSALWFLWYVKQCGGTTRIISTTNGGQERKFVGGSGQVSERIMDLLGDRVKLERPVIYIDQT
RENVLVETLNHEMYEAKYVISAIPPTLGMKIHFNPPLPMMRNQMITRVPLGSVIKCIVYYKEPFWRKKDYCGTMIIDGEE
APVAYTLDDTKPEGNYAAIMGFILAHKARKLARLTKEERLKKLCELYAKVLGSLEALEPVHYEEKNWCEEQYSGGCYTTY
FPPGILTQYGRVLRQPVDRIYFAGTETATHWSGYMEGAVEAGERAAREILHAMGKIPEDEIWQSEPESVDVPAQPITTTF
LERHLPSVPGLLRLIGLTTIFSATALGFLAHKRGLLVRV
;
_entity_poly.pdbx_strand_id   AAA,BBB
#
loop_
_chem_comp.id
_chem_comp.type
_chem_comp.name
_chem_comp.formula
A1JC6 non-polymer (~{E})-3-[3-[oxidanyl(oxidanylidene)-$l^{4}-azanyl]phenyl]-1-[3-(trifluoromethyl)phenyl]prop-2-en-1-one 'C16 H10 F3 N O3 1'
C15 non-polymer N-DODECYL-N,N-DIMETHYL-3-AMMONIO-1-PROPANESULFONATE 'C17 H38 N O3 S 1'
FAD non-polymer 'FLAVIN-ADENINE DINUCLEOTIDE' 'C27 H33 N9 O15 P2'
#
# COMPACT_ATOMS: atom_id res chain seq x y z
N SER A 1 -7.53 -32.72 -14.57
CA SER A 1 -7.48 -31.26 -14.87
C SER A 1 -8.16 -30.96 -16.23
N ASN A 2 -8.80 -29.78 -16.32
CA ASN A 2 -9.31 -29.20 -17.59
C ASN A 2 -8.13 -28.59 -18.34
N LYS A 3 -7.84 -29.05 -19.56
CA LYS A 3 -6.63 -28.64 -20.29
C LYS A 3 -6.99 -27.57 -21.31
N CYS A 4 -6.12 -26.57 -21.49
CA CYS A 4 -6.28 -25.56 -22.55
C CYS A 4 -4.91 -24.99 -22.89
N ASP A 5 -4.87 -24.05 -23.81
CA ASP A 5 -3.64 -23.37 -24.17
C ASP A 5 -3.35 -22.26 -23.12
N VAL A 6 -4.37 -21.46 -22.81
CA VAL A 6 -4.19 -20.24 -21.95
C VAL A 6 -5.35 -20.17 -20.99
N VAL A 7 -4.99 -20.02 -19.72
CA VAL A 7 -5.97 -19.62 -18.67
C VAL A 7 -5.86 -18.11 -18.47
N VAL A 8 -7.00 -17.45 -18.56
CA VAL A 8 -7.12 -16.00 -18.24
C VAL A 8 -7.76 -15.91 -16.88
N VAL A 9 -7.06 -15.27 -15.95
CA VAL A 9 -7.60 -15.04 -14.60
C VAL A 9 -8.24 -13.65 -14.60
N GLY A 10 -9.57 -13.65 -14.51
CA GLY A 10 -10.34 -12.40 -14.49
C GLY A 10 -11.10 -12.17 -15.78
N GLY A 11 -12.39 -11.96 -15.66
CA GLY A 11 -13.31 -11.69 -16.78
C GLY A 11 -13.83 -10.27 -16.75
N GLY A 12 -12.96 -9.30 -16.43
CA GLY A 12 -13.21 -7.89 -16.73
C GLY A 12 -12.95 -7.62 -18.21
N ILE A 13 -13.02 -6.36 -18.63
CA ILE A 13 -12.74 -6.02 -20.03
C ILE A 13 -11.35 -6.50 -20.44
N SER A 14 -10.34 -6.39 -19.57
CA SER A 14 -8.99 -6.76 -19.97
C SER A 14 -8.89 -8.26 -20.23
N GLY A 15 -9.39 -9.11 -19.34
CA GLY A 15 -9.29 -10.57 -19.52
C GLY A 15 -10.14 -10.95 -20.71
N MET A 16 -11.32 -10.38 -20.82
CA MET A 16 -12.24 -10.73 -21.94
C MET A 16 -11.58 -10.30 -23.24
N ALA A 17 -10.94 -9.13 -23.35
CA ALA A 17 -10.27 -8.70 -24.60
C ALA A 17 -9.12 -9.69 -24.91
N ALA A 18 -8.36 -10.08 -23.90
CA ALA A 18 -7.23 -11.03 -24.08
C ALA A 18 -7.82 -12.35 -24.63
N ALA A 19 -8.84 -12.86 -23.97
CA ALA A 19 -9.42 -14.18 -24.29
C ALA A 19 -9.93 -14.12 -25.72
N LYS A 20 -10.56 -13.03 -26.09
CA LYS A 20 -11.18 -12.91 -27.44
C LYS A 20 -10.08 -12.99 -28.47
N LEU A 21 -8.98 -12.24 -28.28
CA LEU A 21 -7.86 -12.19 -29.26
C LEU A 21 -7.27 -13.61 -29.39
N LEU A 22 -7.01 -14.26 -28.26
CA LEU A 22 -6.44 -15.64 -28.29
C LEU A 22 -7.43 -16.60 -28.98
N HIS A 23 -8.70 -16.52 -28.66
CA HIS A 23 -9.73 -17.40 -29.28
C HIS A 23 -9.74 -17.16 -30.78
N ASP A 24 -9.70 -15.91 -31.20
CA ASP A 24 -9.79 -15.52 -32.63
C ASP A 24 -8.54 -16.01 -33.35
N SER A 25 -7.42 -16.18 -32.65
CA SER A 25 -6.12 -16.64 -33.21
CA SER A 25 -6.13 -16.65 -33.23
C SER A 25 -6.09 -18.19 -33.27
N GLY A 26 -7.15 -18.86 -32.82
CA GLY A 26 -7.27 -20.34 -32.88
C GLY A 26 -6.77 -21.08 -31.65
N LEU A 27 -6.55 -20.40 -30.53
CA LEU A 27 -6.13 -21.10 -29.31
C LEU A 27 -7.36 -21.42 -28.46
N ASN A 28 -7.17 -22.41 -27.60
CA ASN A 28 -8.14 -22.88 -26.61
C ASN A 28 -7.91 -22.10 -25.31
N VAL A 29 -8.85 -21.25 -25.03
CA VAL A 29 -8.75 -20.37 -23.82
C VAL A 29 -9.80 -20.76 -22.83
N VAL A 30 -9.52 -20.50 -21.54
CA VAL A 30 -10.53 -20.55 -20.47
C VAL A 30 -10.39 -19.25 -19.68
N VAL A 31 -11.51 -18.66 -19.33
CA VAL A 31 -11.55 -17.46 -18.43
C VAL A 31 -12.06 -17.90 -17.07
N LEU A 32 -11.27 -17.70 -16.01
CA LEU A 32 -11.72 -18.04 -14.66
C LEU A 32 -12.11 -16.74 -13.94
N GLU A 33 -13.38 -16.54 -13.68
CA GLU A 33 -13.88 -15.28 -13.07
C GLU A 33 -14.39 -15.58 -11.68
N ALA A 34 -13.98 -14.80 -10.68
CA ALA A 34 -14.37 -14.99 -9.30
C ALA A 34 -15.87 -14.79 -9.06
N ARG A 35 -16.45 -13.79 -9.70
CA ARG A 35 -17.84 -13.37 -9.46
C ARG A 35 -18.83 -14.27 -10.22
N ASP A 36 -20.10 -14.08 -9.90
CA ASP A 36 -21.20 -14.65 -10.69
C ASP A 36 -21.53 -13.86 -11.93
N ARG A 37 -20.66 -12.99 -12.42
CA ARG A 37 -20.88 -12.15 -13.60
C ARG A 37 -19.54 -11.78 -14.17
N VAL A 38 -19.51 -11.37 -15.44
CA VAL A 38 -18.32 -10.75 -16.02
C VAL A 38 -18.45 -9.22 -15.92
N GLY A 39 -17.36 -8.53 -16.22
CA GLY A 39 -17.36 -7.05 -16.32
C GLY A 39 -16.48 -6.37 -15.26
N GLY A 40 -16.33 -6.99 -14.10
CA GLY A 40 -15.45 -6.49 -13.02
C GLY A 40 -15.82 -5.09 -12.55
N ARG A 41 -14.95 -4.12 -12.77
CA ARG A 41 -15.15 -2.69 -12.40
C ARG A 41 -16.14 -2.01 -13.35
N THR A 42 -16.64 -2.70 -14.38
CA THR A 42 -17.86 -2.28 -15.09
C THR A 42 -19.01 -3.14 -14.60
N TYR A 43 -20.18 -2.54 -14.41
CA TYR A 43 -21.38 -3.22 -13.94
C TYR A 43 -22.56 -2.40 -14.35
N THR A 44 -23.34 -2.96 -15.26
CA THR A 44 -24.58 -2.34 -15.75
C THR A 44 -25.74 -3.02 -15.05
N LEU A 45 -26.39 -2.27 -14.17
CA LEU A 45 -27.62 -2.69 -13.48
C LEU A 45 -28.83 -2.50 -14.40
N ARG A 46 -29.71 -3.52 -14.49
CA ARG A 46 -30.97 -3.39 -15.27
C ARG A 46 -32.16 -3.61 -14.33
N ASN A 47 -33.08 -2.63 -14.32
CA ASN A 47 -34.38 -2.82 -13.62
C ASN A 47 -35.37 -1.86 -14.29
N GLN A 48 -36.64 -1.97 -13.93
CA GLN A 48 -37.67 -1.19 -14.67
C GLN A 48 -37.56 0.29 -14.32
N LYS A 49 -37.07 0.65 -13.14
CA LYS A 49 -37.04 2.09 -12.75
C LYS A 49 -35.95 2.81 -13.53
N VAL A 50 -34.84 2.16 -13.87
CA VAL A 50 -33.71 2.86 -14.52
C VAL A 50 -33.53 2.46 -15.98
N LYS A 51 -34.14 1.34 -16.38
CA LYS A 51 -33.91 0.60 -17.64
C LYS A 51 -32.52 -0.05 -17.58
N TYR A 52 -31.47 0.77 -17.65
CA TYR A 52 -30.08 0.32 -17.43
C TYR A 52 -29.32 1.47 -16.78
N VAL A 53 -28.33 1.13 -15.97
CA VAL A 53 -27.44 2.20 -15.42
C VAL A 53 -26.08 1.58 -15.17
N ASP A 54 -25.04 2.32 -15.56
CA ASP A 54 -23.66 1.93 -15.22
C ASP A 54 -23.34 2.36 -13.77
N LEU A 55 -23.06 1.38 -12.92
CA LEU A 55 -22.64 1.67 -11.54
C LEU A 55 -21.13 1.63 -11.43
N GLY A 56 -20.43 1.07 -12.43
CA GLY A 56 -18.98 1.16 -12.54
C GLY A 56 -18.51 2.04 -13.66
N GLY A 57 -17.47 1.62 -14.36
CA GLY A 57 -16.93 2.41 -15.45
C GLY A 57 -17.98 2.61 -16.55
N SER A 58 -18.02 3.80 -17.13
CA SER A 58 -19.12 4.18 -18.04
C SER A 58 -18.60 4.95 -19.25
N TYR A 59 -17.79 5.95 -19.03
CA TYR A 59 -17.49 6.94 -20.07
C TYR A 59 -16.36 6.52 -20.97
N VAL A 60 -16.53 6.86 -22.24
CA VAL A 60 -15.47 6.75 -23.24
C VAL A 60 -15.36 8.05 -24.02
N GLY A 61 -14.25 8.23 -24.71
CA GLY A 61 -14.07 9.47 -25.43
C GLY A 61 -12.99 9.43 -26.49
N PRO A 62 -12.84 10.54 -27.20
CA PRO A 62 -11.83 10.66 -28.23
C PRO A 62 -10.45 10.26 -27.70
N THR A 63 -9.73 9.58 -28.58
CA THR A 63 -8.39 8.97 -28.40
C THR A 63 -8.46 7.60 -27.74
N GLN A 64 -9.62 7.14 -27.32
CA GLN A 64 -9.76 5.81 -26.69
C GLN A 64 -10.17 4.83 -27.80
N ASN A 65 -9.27 4.67 -28.76
CA ASN A 65 -9.70 3.99 -30.00
C ASN A 65 -9.86 2.48 -29.86
N ARG A 66 -9.17 1.85 -28.88
CA ARG A 66 -9.26 0.38 -28.73
C ARG A 66 -10.63 -0.03 -28.19
N ILE A 67 -11.09 0.61 -27.11
CA ILE A 67 -12.41 0.30 -26.56
C ILE A 67 -13.49 0.64 -27.60
N LEU A 68 -13.34 1.77 -28.32
CA LEU A 68 -14.34 2.12 -29.33
C LEU A 68 -14.39 1.00 -30.40
N ARG A 69 -13.25 0.54 -30.85
CA ARG A 69 -13.16 -0.49 -31.90
C ARG A 69 -13.77 -1.78 -31.39
N LEU A 70 -13.37 -2.25 -30.20
CA LEU A 70 -13.90 -3.49 -29.62
C LEU A 70 -15.40 -3.37 -29.50
N ALA A 71 -15.91 -2.29 -28.88
CA ALA A 71 -17.35 -2.14 -28.68
C ALA A 71 -18.07 -2.14 -30.04
N LYS A 72 -17.52 -1.44 -31.01
CA LYS A 72 -18.17 -1.36 -32.35
C LYS A 72 -18.27 -2.77 -32.95
N GLU A 73 -17.23 -3.54 -32.85
CA GLU A 73 -17.16 -4.90 -33.43
C GLU A 73 -18.20 -5.79 -32.72
N LEU A 74 -18.50 -5.53 -31.43
CA LEU A 74 -19.53 -6.27 -30.69
C LEU A 74 -20.95 -5.76 -30.95
N GLY A 75 -21.12 -4.74 -31.77
CA GLY A 75 -22.43 -4.20 -32.17
C GLY A 75 -22.95 -3.12 -31.24
N LEU A 76 -22.06 -2.47 -30.49
CA LEU A 76 -22.50 -1.42 -29.54
C LEU A 76 -22.39 -0.04 -30.22
N GLU A 77 -23.14 0.90 -29.68
CA GLU A 77 -23.19 2.30 -30.15
C GLU A 77 -22.95 3.20 -28.92
N THR A 78 -22.50 4.40 -29.18
CA THR A 78 -22.30 5.41 -28.12
C THR A 78 -23.31 6.52 -28.28
N TYR A 79 -23.48 7.31 -27.23
CA TYR A 79 -24.19 8.60 -27.32
C TYR A 79 -23.37 9.60 -26.51
N LYS A 80 -23.63 10.88 -26.75
CA LYS A 80 -22.91 11.97 -26.06
C LYS A 80 -23.61 12.31 -24.75
N VAL A 81 -22.77 12.43 -23.72
CA VAL A 81 -23.19 12.96 -22.41
C VAL A 81 -23.67 14.41 -22.66
N ASN A 82 -24.72 14.83 -21.97
CA ASN A 82 -25.25 16.20 -22.16
C ASN A 82 -24.28 17.27 -21.71
N GLU A 83 -23.82 18.12 -22.63
CA GLU A 83 -23.01 19.30 -22.30
C GLU A 83 -23.50 20.50 -23.11
N VAL A 84 -24.79 20.53 -23.42
CA VAL A 84 -25.35 21.62 -24.24
C VAL A 84 -25.38 22.92 -23.46
N GLU A 85 -25.83 22.86 -22.21
CA GLU A 85 -26.03 24.06 -21.34
C GLU A 85 -24.79 24.30 -20.45
N ARG A 86 -24.88 25.22 -19.49
CA ARG A 86 -23.70 25.70 -18.76
C ARG A 86 -23.29 24.66 -17.71
N LEU A 87 -21.98 24.62 -17.48
CA LEU A 87 -21.41 23.86 -16.35
C LEU A 87 -21.48 24.74 -15.10
N ILE A 88 -21.42 24.15 -13.90
CA ILE A 88 -21.37 24.97 -12.66
C ILE A 88 -20.10 24.66 -11.89
N HIS A 89 -19.41 25.71 -11.46
CA HIS A 89 -18.37 25.60 -10.41
C HIS A 89 -18.96 26.19 -9.12
N HIS A 90 -19.07 25.36 -8.10
CA HIS A 90 -19.63 25.80 -6.80
C HIS A 90 -18.45 25.93 -5.84
N VAL A 91 -18.23 27.16 -5.36
CA VAL A 91 -17.07 27.37 -4.45
C VAL A 91 -17.48 28.41 -3.41
N LYS A 92 -17.10 28.11 -2.17
CA LYS A 92 -17.45 28.96 -0.98
C LYS A 92 -18.97 29.22 -0.95
N GLY A 93 -19.75 28.18 -1.19
CA GLY A 93 -21.19 28.17 -1.02
C GLY A 93 -21.98 28.89 -2.08
N LYS A 94 -21.37 29.25 -3.22
CA LYS A 94 -22.03 29.92 -4.36
C LYS A 94 -21.72 29.18 -5.67
N SER A 95 -22.66 29.25 -6.57
CA SER A 95 -22.55 28.63 -7.92
C SER A 95 -22.18 29.67 -8.96
N TYR A 96 -21.22 29.33 -9.80
CA TYR A 96 -20.70 30.18 -10.90
C TYR A 96 -20.81 29.39 -12.19
N PRO A 97 -21.82 29.67 -13.03
CA PRO A 97 -22.00 28.97 -14.29
C PRO A 97 -20.91 29.37 -15.28
N PHE A 98 -20.52 28.45 -16.13
CA PHE A 98 -19.45 28.71 -17.13
C PHE A 98 -19.57 27.74 -18.29
N ARG A 99 -18.78 28.08 -19.32
CA ARG A 99 -18.60 27.26 -20.54
C ARG A 99 -17.11 27.01 -20.74
N GLY A 100 -16.80 25.94 -21.48
CA GLY A 100 -15.42 25.52 -21.77
C GLY A 100 -15.04 24.58 -20.65
N PRO A 101 -13.96 23.81 -20.78
CA PRO A 101 -13.71 22.72 -19.85
C PRO A 101 -13.18 23.12 -18.48
N PHE A 102 -12.44 24.22 -18.42
CA PHE A 102 -11.82 24.69 -17.15
C PHE A 102 -12.66 25.75 -16.48
N PRO A 103 -12.90 25.57 -15.17
CA PRO A 103 -13.56 26.58 -14.38
C PRO A 103 -12.68 27.82 -14.43
N PRO A 104 -13.26 28.92 -14.89
CA PRO A 104 -12.54 30.17 -15.06
C PRO A 104 -12.46 31.06 -13.80
N VAL A 105 -11.47 31.92 -13.87
CA VAL A 105 -11.08 32.83 -12.75
C VAL A 105 -10.97 34.22 -13.34
N TRP A 106 -11.39 35.22 -12.58
CA TRP A 106 -11.29 36.62 -13.08
C TRP A 106 -10.13 37.38 -12.45
N ASN A 107 -9.84 37.14 -11.18
CA ASN A 107 -8.75 37.83 -10.45
C ASN A 107 -7.45 37.60 -11.22
N PRO A 108 -6.77 38.65 -11.71
CA PRO A 108 -5.57 38.50 -12.50
C PRO A 108 -4.44 37.65 -11.89
N ILE A 109 -4.18 37.80 -10.61
CA ILE A 109 -3.14 36.98 -9.90
C ILE A 109 -3.62 35.53 -9.86
N THR A 110 -4.87 35.31 -9.50
CA THR A 110 -5.44 33.95 -9.44
C THR A 110 -5.39 33.35 -10.86
N TYR A 111 -5.67 34.15 -11.89
CA TYR A 111 -5.67 33.67 -13.28
C TYR A 111 -4.26 33.16 -13.62
N LEU A 112 -3.21 33.92 -13.30
CA LEU A 112 -1.81 33.51 -13.56
C LEU A 112 -1.55 32.16 -12.84
N ASP A 113 -2.00 32.07 -11.61
CA ASP A 113 -1.71 30.86 -10.79
C ASP A 113 -2.43 29.64 -11.38
N HIS A 114 -3.71 29.78 -11.71
CA HIS A 114 -4.48 28.68 -12.36
C HIS A 114 -3.83 28.28 -13.66
N ASN A 115 -3.55 29.26 -14.53
CA ASN A 115 -2.97 28.97 -15.84
C ASN A 115 -1.67 28.19 -15.64
N ASN A 116 -0.83 28.63 -14.71
CA ASN A 116 0.49 28.02 -14.48
C ASN A 116 0.30 26.62 -13.90
N PHE A 117 -0.70 26.42 -13.03
CA PHE A 117 -0.91 25.07 -12.47
C PHE A 117 -1.11 24.06 -13.60
N TRP A 118 -2.12 24.28 -14.46
CA TRP A 118 -2.45 23.30 -15.50
C TRP A 118 -1.27 23.15 -16.46
N ARG A 119 -0.66 24.28 -16.84
CA ARG A 119 0.49 24.28 -17.78
C ARG A 119 1.62 23.45 -17.21
N THR A 120 1.88 23.61 -15.91
CA THR A 120 3.02 22.97 -15.24
C THR A 120 2.74 21.46 -15.16
N MET A 121 1.51 21.05 -14.87
CA MET A 121 1.18 19.61 -14.85
C MET A 121 1.57 19.00 -16.20
N ASP A 122 1.25 19.68 -17.30
CA ASP A 122 1.54 19.12 -18.63
C ASP A 122 3.02 19.26 -18.98
N ASP A 123 3.69 20.35 -18.56
CA ASP A 123 5.14 20.52 -18.78
C ASP A 123 5.93 19.37 -18.10
N MET A 124 5.55 19.08 -16.86
CA MET A 124 6.21 17.99 -16.10
C MET A 124 5.89 16.67 -16.80
N GLY A 125 4.64 16.45 -17.24
CA GLY A 125 4.25 15.21 -17.91
C GLY A 125 5.09 14.95 -19.14
N ARG A 126 5.47 16.01 -19.86
CA ARG A 126 6.26 15.81 -21.12
C ARG A 126 7.66 15.27 -20.82
N GLU A 127 8.13 15.30 -19.57
CA GLU A 127 9.41 14.70 -19.15
C GLU A 127 9.29 13.21 -18.84
N ILE A 128 8.06 12.68 -18.79
CA ILE A 128 7.80 11.34 -18.24
C ILE A 128 7.42 10.37 -19.35
N PRO A 129 8.26 9.35 -19.65
CA PRO A 129 7.90 8.38 -20.67
C PRO A 129 6.66 7.56 -20.29
N SER A 130 5.68 7.43 -21.18
CA SER A 130 4.43 6.68 -20.87
C SER A 130 4.72 5.23 -20.53
N ASP A 131 5.70 4.64 -21.20
CA ASP A 131 5.98 3.21 -20.97
C ASP A 131 7.06 2.98 -19.91
N ALA A 132 7.55 4.02 -19.26
CA ALA A 132 8.65 3.86 -18.27
C ALA A 132 8.79 5.12 -17.45
N PRO A 133 7.79 5.46 -16.63
CA PRO A 133 7.85 6.75 -15.91
C PRO A 133 9.06 6.93 -14.99
N TRP A 134 9.57 5.82 -14.48
CA TRP A 134 10.77 5.81 -13.62
C TRP A 134 12.02 6.27 -14.40
N LYS A 135 11.93 6.42 -15.72
CA LYS A 135 13.05 6.97 -16.53
C LYS A 135 13.00 8.48 -16.69
N ALA A 136 12.00 9.17 -16.14
CA ALA A 136 11.98 10.65 -16.15
C ALA A 136 13.26 11.16 -15.49
N PRO A 137 13.86 12.25 -15.98
CA PRO A 137 15.12 12.73 -15.41
C PRO A 137 15.06 13.00 -13.91
N LEU A 138 13.92 13.49 -13.38
CA LEU A 138 13.74 13.82 -11.95
C LEU A 138 12.76 12.79 -11.35
N ALA A 139 12.81 11.55 -11.83
CA ALA A 139 11.83 10.55 -11.34
C ALA A 139 11.94 10.42 -9.82
N GLU A 140 13.13 10.30 -9.27
CA GLU A 140 13.26 10.03 -7.84
C GLU A 140 12.75 11.25 -7.06
N GLU A 141 13.18 12.46 -7.42
CA GLU A 141 12.70 13.66 -6.74
C GLU A 141 11.16 13.71 -6.79
N TRP A 142 10.57 13.48 -7.96
CA TRP A 142 9.10 13.63 -8.08
C TRP A 142 8.36 12.46 -7.39
N ASP A 143 8.97 11.27 -7.34
CA ASP A 143 8.30 10.10 -6.73
C ASP A 143 8.38 10.18 -5.21
N ASN A 144 9.33 10.94 -4.68
CA ASN A 144 9.53 11.06 -3.23
C ASN A 144 8.71 12.18 -2.62
N MET A 145 7.83 12.83 -3.39
CA MET A 145 6.91 13.87 -2.95
C MET A 145 5.49 13.37 -3.18
N THR A 146 4.58 13.71 -2.30
CA THR A 146 3.14 13.51 -2.58
C THR A 146 2.63 14.63 -3.51
N MET A 147 1.47 14.41 -4.08
CA MET A 147 0.78 15.50 -4.78
C MET A 147 0.47 16.64 -3.84
N LYS A 148 0.23 16.40 -2.57
CA LYS A 148 0.00 17.52 -1.61
C LYS A 148 1.24 18.43 -1.59
N GLU A 149 2.43 17.84 -1.47
CA GLU A 149 3.68 18.63 -1.42
C GLU A 149 3.83 19.39 -2.72
N LEU A 150 3.55 18.76 -3.86
CA LEU A 150 3.70 19.43 -5.14
C LEU A 150 2.74 20.62 -5.22
N LEU A 151 1.48 20.47 -4.83
CA LEU A 151 0.51 21.59 -4.91
C LEU A 151 0.92 22.69 -3.94
N ASP A 152 1.52 22.34 -2.82
CA ASP A 152 1.96 23.35 -1.83
C ASP A 152 3.08 24.17 -2.44
N LYS A 153 3.94 23.58 -3.26
CA LYS A 153 5.06 24.30 -3.92
C LYS A 153 4.54 25.11 -5.10
N LEU A 154 3.58 24.60 -5.86
CA LEU A 154 3.22 25.17 -7.19
C LEU A 154 2.16 26.24 -7.06
N CYS A 155 1.23 26.11 -6.12
CA CYS A 155 0.00 26.96 -6.10
C CYS A 155 0.24 28.12 -5.15
N TRP A 156 0.28 29.34 -5.71
CA TRP A 156 0.52 30.57 -4.91
C TRP A 156 -0.80 31.14 -4.47
N THR A 157 -1.93 30.54 -4.84
CA THR A 157 -3.26 30.97 -4.38
C THR A 157 -4.01 29.79 -3.78
N GLU A 158 -4.85 30.04 -2.80
CA GLU A 158 -5.72 28.98 -2.25
C GLU A 158 -6.73 28.53 -3.31
N SER A 159 -7.17 29.43 -4.17
CA SER A 159 -8.13 29.12 -5.25
C SER A 159 -7.58 27.98 -6.11
N ALA A 160 -6.34 28.17 -6.55
CA ALA A 160 -5.73 27.14 -7.44
C ALA A 160 -5.50 25.87 -6.63
N LYS A 161 -5.06 25.99 -5.38
CA LYS A 161 -4.75 24.75 -4.62
C LYS A 161 -6.05 23.97 -4.41
N GLN A 162 -7.17 24.64 -4.13
CA GLN A 162 -8.44 23.96 -3.88
C GLN A 162 -8.91 23.26 -5.17
N LEU A 163 -8.81 23.92 -6.32
CA LEU A 163 -9.29 23.29 -7.58
C LEU A 163 -8.37 22.12 -7.91
N ALA A 164 -7.07 22.28 -7.73
CA ALA A 164 -6.06 21.23 -8.04
C ALA A 164 -6.33 20.01 -7.15
N THR A 165 -6.68 20.25 -5.89
CA THR A 165 -7.02 19.19 -4.91
C THR A 165 -8.22 18.40 -5.43
N LEU A 166 -9.26 19.12 -5.88
CA LEU A 166 -10.45 18.44 -6.39
C LEU A 166 -10.07 17.63 -7.63
N PHE A 167 -9.25 18.18 -8.49
CA PHE A 167 -8.76 17.50 -9.74
C PHE A 167 -8.15 16.14 -9.36
N VAL A 168 -7.25 16.13 -8.37
CA VAL A 168 -6.62 14.85 -7.96
C VAL A 168 -7.67 13.92 -7.38
N ASN A 169 -8.48 14.40 -6.46
CA ASN A 169 -9.51 13.57 -5.79
C ASN A 169 -10.40 12.90 -6.84
N LEU A 170 -10.80 13.66 -7.84
CA LEU A 170 -11.79 13.19 -8.83
C LEU A 170 -11.10 12.27 -9.85
N CYS A 171 -9.90 12.59 -10.27
CA CYS A 171 -9.22 11.81 -11.30
CA CYS A 171 -9.18 11.81 -11.31
C CYS A 171 -8.76 10.44 -10.78
N VAL A 172 -8.29 10.38 -9.51
CA VAL A 172 -7.68 9.14 -8.99
C VAL A 172 -8.27 8.69 -7.65
N THR A 173 -9.42 9.23 -7.24
CA THR A 173 -10.23 8.76 -6.10
C THR A 173 -9.32 8.56 -4.86
N ALA A 174 -8.43 9.53 -4.69
CA ALA A 174 -7.48 9.50 -3.57
C ALA A 174 -7.15 10.93 -3.15
N GLU A 175 -6.63 11.01 -1.94
CA GLU A 175 -6.23 12.32 -1.39
C GLU A 175 -4.89 12.74 -1.99
N THR A 176 -4.61 14.03 -1.99
CA THR A 176 -3.34 14.53 -2.54
C THR A 176 -2.17 13.99 -1.73
N HIS A 177 -2.35 13.84 -0.42
CA HIS A 177 -1.25 13.36 0.44
C HIS A 177 -1.08 11.85 0.31
N GLU A 178 -1.98 11.10 -0.35
CA GLU A 178 -1.88 9.65 -0.47
C GLU A 178 -0.98 9.23 -1.62
N VAL A 179 -0.89 10.08 -2.65
CA VAL A 179 -0.37 9.63 -3.98
C VAL A 179 0.96 10.29 -4.30
N SER A 180 1.82 9.54 -4.97
CA SER A 180 3.08 10.02 -5.54
C SER A 180 2.82 11.11 -6.57
N ALA A 181 3.62 12.19 -6.54
CA ALA A 181 3.57 13.23 -7.58
C ALA A 181 4.01 12.62 -8.92
N LEU A 182 5.09 11.84 -8.97
CA LEU A 182 5.52 11.24 -10.25
C LEU A 182 4.38 10.40 -10.83
N TRP A 183 3.78 9.56 -10.00
CA TRP A 183 2.73 8.67 -10.50
C TRP A 183 1.55 9.49 -11.03
N PHE A 184 1.09 10.50 -10.31
CA PHE A 184 -0.07 11.28 -10.75
C PHE A 184 0.27 12.01 -12.05
N LEU A 185 1.47 12.60 -12.13
CA LEU A 185 1.88 13.32 -13.36
C LEU A 185 1.94 12.34 -14.53
N TRP A 186 2.44 11.13 -14.32
CA TRP A 186 2.43 10.06 -15.35
C TRP A 186 0.98 9.81 -15.74
N TYR A 187 0.11 9.57 -14.74
CA TYR A 187 -1.26 9.12 -14.98
C TYR A 187 -1.96 10.12 -15.91
N VAL A 188 -1.80 11.40 -15.65
CA VAL A 188 -2.48 12.46 -16.44
C VAL A 188 -1.82 12.47 -17.82
N LYS A 189 -0.51 12.43 -17.91
CA LYS A 189 0.15 12.54 -19.25
C LYS A 189 -0.24 11.34 -20.14
N GLN A 190 -0.37 10.16 -19.56
CA GLN A 190 -0.66 8.94 -20.37
C GLN A 190 -2.12 8.89 -20.80
N CYS A 191 -2.93 9.84 -20.34
CA CYS A 191 -4.28 10.02 -20.88
C CYS A 191 -4.31 11.13 -21.93
N GLY A 192 -3.21 11.81 -22.18
CA GLY A 192 -3.14 12.88 -23.17
C GLY A 192 -3.12 14.26 -22.54
N GLY A 193 -3.02 14.34 -21.19
CA GLY A 193 -2.82 15.62 -20.51
C GLY A 193 -4.07 16.15 -19.84
N THR A 194 -3.92 17.33 -19.24
CA THR A 194 -4.96 17.88 -18.35
C THR A 194 -6.24 18.12 -19.12
N THR A 195 -6.20 18.81 -20.25
CA THR A 195 -7.44 19.15 -20.96
C THR A 195 -8.18 17.87 -21.37
N ARG A 196 -7.52 16.88 -21.96
CA ARG A 196 -8.18 15.66 -22.39
C ARG A 196 -8.79 14.92 -21.21
N ILE A 197 -8.10 14.85 -20.09
CA ILE A 197 -8.62 14.02 -18.95
C ILE A 197 -9.82 14.69 -18.30
N ILE A 198 -9.87 16.02 -18.26
CA ILE A 198 -10.96 16.72 -17.52
C ILE A 198 -12.16 17.01 -18.41
N SER A 199 -12.04 16.87 -19.72
CA SER A 199 -13.10 17.34 -20.63
C SER A 199 -14.20 16.28 -20.80
N THR A 200 -15.41 16.79 -20.97
CA THR A 200 -16.54 16.01 -21.45
C THR A 200 -16.52 16.07 -22.98
N THR A 201 -17.01 17.16 -23.55
CA THR A 201 -16.80 17.38 -25.01
C THR A 201 -15.30 17.32 -25.27
N ASN A 202 -14.87 16.50 -26.25
CA ASN A 202 -13.47 16.29 -26.69
CA ASN A 202 -13.45 16.38 -26.67
C ASN A 202 -12.56 15.71 -25.58
N GLY A 203 -13.13 15.08 -24.58
CA GLY A 203 -12.29 14.38 -23.59
C GLY A 203 -12.81 13.03 -23.14
N GLY A 204 -12.28 12.58 -21.98
CA GLY A 204 -12.60 11.25 -21.44
C GLY A 204 -14.04 11.04 -21.15
N GLN A 205 -14.81 12.08 -20.84
CA GLN A 205 -16.22 11.87 -20.39
C GLN A 205 -17.21 12.19 -21.52
N GLU A 206 -16.76 12.13 -22.78
CA GLU A 206 -17.63 12.60 -23.88
C GLU A 206 -18.86 11.71 -24.06
N ARG A 207 -18.72 10.41 -23.96
CA ARG A 207 -19.74 9.45 -24.40
C ARG A 207 -19.98 8.34 -23.40
N LYS A 208 -21.12 7.70 -23.57
CA LYS A 208 -21.42 6.43 -22.91
C LYS A 208 -21.89 5.43 -23.97
N PHE A 209 -21.93 4.19 -23.58
CA PHE A 209 -22.49 3.13 -24.45
C PHE A 209 -24.00 3.08 -24.25
N VAL A 210 -24.73 3.03 -25.38
CA VAL A 210 -26.17 2.75 -25.33
C VAL A 210 -26.41 1.37 -24.74
N GLY A 211 -27.11 1.27 -23.63
CA GLY A 211 -27.39 -0.01 -22.95
C GLY A 211 -26.36 -0.41 -21.91
N GLY A 212 -25.30 0.39 -21.74
CA GLY A 212 -24.34 0.12 -20.66
C GLY A 212 -23.03 -0.50 -21.10
N SER A 213 -21.95 -0.20 -20.36
CA SER A 213 -20.62 -0.73 -20.70
C SER A 213 -20.50 -2.20 -20.33
N GLY A 214 -21.33 -2.75 -19.46
CA GLY A 214 -21.24 -4.16 -19.11
C GLY A 214 -21.46 -5.07 -20.32
N GLN A 215 -22.09 -4.52 -21.34
CA GLN A 215 -22.33 -5.27 -22.59
C GLN A 215 -21.02 -5.65 -23.25
N VAL A 216 -19.92 -4.94 -23.01
CA VAL A 216 -18.66 -5.33 -23.68
C VAL A 216 -18.26 -6.71 -23.19
N SER A 217 -18.19 -6.88 -21.87
CA SER A 217 -17.75 -8.16 -21.31
C SER A 217 -18.80 -9.22 -21.60
N GLU A 218 -20.09 -8.87 -21.52
CA GLU A 218 -21.19 -9.83 -21.69
C GLU A 218 -21.14 -10.37 -23.14
N ARG A 219 -20.94 -9.50 -24.13
CA ARG A 219 -21.01 -9.93 -25.56
C ARG A 219 -19.78 -10.77 -25.88
N ILE A 220 -18.65 -10.51 -25.23
CA ILE A 220 -17.48 -11.40 -25.42
C ILE A 220 -17.76 -12.74 -24.73
N MET A 221 -18.37 -12.77 -23.55
CA MET A 221 -18.74 -14.07 -22.94
C MET A 221 -19.66 -14.84 -23.91
N ASP A 222 -20.58 -14.16 -24.57
CA ASP A 222 -21.48 -14.84 -25.52
C ASP A 222 -20.64 -15.50 -26.62
N LEU A 223 -19.65 -14.82 -27.17
CA LEU A 223 -18.79 -15.36 -28.24
C LEU A 223 -18.01 -16.55 -27.71
N LEU A 224 -17.59 -16.55 -26.44
CA LEU A 224 -16.67 -17.58 -25.91
C LEU A 224 -17.48 -18.80 -25.41
N GLY A 225 -18.77 -18.65 -25.11
CA GLY A 225 -19.60 -19.78 -24.60
C GLY A 225 -19.09 -20.26 -23.27
N ASP A 226 -19.00 -21.59 -23.17
CA ASP A 226 -18.78 -22.19 -21.85
C ASP A 226 -17.29 -22.09 -21.50
N ARG A 227 -16.49 -21.38 -22.29
CA ARG A 227 -15.07 -21.15 -21.94
C ARG A 227 -14.95 -20.21 -20.74
N VAL A 228 -15.97 -19.42 -20.48
CA VAL A 228 -15.99 -18.51 -19.32
C VAL A 228 -16.60 -19.26 -18.12
N LYS A 229 -15.83 -19.40 -17.05
CA LYS A 229 -16.20 -20.13 -15.84
C LYS A 229 -16.47 -19.09 -14.75
N LEU A 230 -17.70 -18.89 -14.42
CA LEU A 230 -18.12 -17.94 -13.36
C LEU A 230 -18.03 -18.60 -11.98
N GLU A 231 -17.85 -17.79 -10.92
CA GLU A 231 -17.71 -18.31 -9.53
C GLU A 231 -16.55 -19.29 -9.47
N ARG A 232 -15.44 -18.96 -10.14
CA ARG A 232 -14.16 -19.68 -10.10
C ARG A 232 -13.07 -18.69 -9.65
N PRO A 233 -13.07 -18.28 -8.37
CA PRO A 233 -11.94 -17.50 -7.86
C PRO A 233 -10.68 -18.38 -7.89
N VAL A 234 -9.62 -17.84 -8.45
CA VAL A 234 -8.32 -18.53 -8.49
C VAL A 234 -7.62 -18.36 -7.15
N ILE A 235 -7.11 -19.47 -6.62
CA ILE A 235 -6.43 -19.50 -5.29
C ILE A 235 -4.97 -19.90 -5.40
N TYR A 236 -4.52 -20.52 -6.49
CA TYR A 236 -3.19 -21.18 -6.51
C TYR A 236 -2.75 -21.30 -7.94
N ILE A 237 -1.51 -20.93 -8.17
CA ILE A 237 -0.88 -21.11 -9.49
C ILE A 237 0.47 -21.79 -9.26
N ASP A 238 0.66 -22.95 -9.91
CA ASP A 238 1.86 -23.78 -9.74
C ASP A 238 2.58 -23.88 -11.09
N GLN A 239 3.79 -23.34 -11.17
CA GLN A 239 4.60 -23.35 -12.42
C GLN A 239 5.81 -24.28 -12.28
N THR A 240 5.76 -25.24 -11.39
CA THR A 240 6.94 -26.09 -11.14
C THR A 240 7.02 -27.21 -12.17
N ARG A 241 5.96 -27.48 -12.91
CA ARG A 241 5.89 -28.63 -13.86
C ARG A 241 5.79 -28.09 -15.29
N GLU A 242 5.73 -29.01 -16.25
CA GLU A 242 5.82 -28.65 -17.67
C GLU A 242 4.64 -27.75 -18.08
N ASN A 243 3.44 -28.09 -17.62
CA ASN A 243 2.24 -27.25 -17.83
C ASN A 243 1.96 -26.48 -16.53
N VAL A 244 1.44 -25.26 -16.65
CA VAL A 244 0.99 -24.49 -15.47
C VAL A 244 -0.30 -25.07 -14.92
N LEU A 245 -0.41 -25.16 -13.60
CA LEU A 245 -1.63 -25.66 -12.94
C LEU A 245 -2.29 -24.47 -12.26
N VAL A 246 -3.57 -24.27 -12.51
CA VAL A 246 -4.34 -23.16 -11.91
C VAL A 246 -5.48 -23.78 -11.13
N GLU A 247 -5.54 -23.51 -9.83
CA GLU A 247 -6.61 -24.06 -8.97
C GLU A 247 -7.60 -22.99 -8.56
N THR A 248 -8.87 -23.35 -8.51
CA THR A 248 -9.97 -22.44 -8.06
C THR A 248 -10.46 -22.83 -6.66
N LEU A 249 -11.17 -21.90 -6.02
CA LEU A 249 -11.70 -22.05 -4.66
C LEU A 249 -12.68 -23.23 -4.63
N ASN A 250 -13.42 -23.45 -5.71
CA ASN A 250 -14.52 -24.47 -5.74
C ASN A 250 -13.89 -25.79 -6.16
N HIS A 251 -12.59 -25.96 -5.96
CA HIS A 251 -11.84 -27.22 -6.15
C HIS A 251 -11.90 -27.72 -7.60
N GLU A 252 -11.61 -26.89 -8.58
CA GLU A 252 -11.34 -27.31 -9.97
C GLU A 252 -9.87 -27.05 -10.26
N MET A 253 -9.30 -27.81 -11.18
CA MET A 253 -7.89 -27.63 -11.62
CA MET A 253 -7.89 -27.64 -11.61
C MET A 253 -7.87 -27.41 -13.11
N TYR A 254 -7.17 -26.39 -13.57
CA TYR A 254 -6.96 -26.09 -14.99
C TYR A 254 -5.49 -26.21 -15.28
N GLU A 255 -5.19 -26.80 -16.44
CA GLU A 255 -3.81 -26.97 -16.89
C GLU A 255 -3.63 -26.22 -18.19
N ALA A 256 -2.61 -25.41 -18.28
CA ALA A 256 -2.38 -24.56 -19.45
C ALA A 256 -0.91 -24.41 -19.80
N LYS A 257 -0.62 -23.89 -20.99
CA LYS A 257 0.74 -23.57 -21.43
C LYS A 257 1.17 -22.24 -20.80
N TYR A 258 0.23 -21.32 -20.68
CA TYR A 258 0.51 -19.95 -20.17
C TYR A 258 -0.70 -19.44 -19.43
N VAL A 259 -0.46 -18.44 -18.57
CA VAL A 259 -1.56 -17.76 -17.84
C VAL A 259 -1.46 -16.27 -18.10
N ILE A 260 -2.63 -15.64 -18.20
CA ILE A 260 -2.76 -14.16 -18.18
C ILE A 260 -3.45 -13.80 -16.87
N SER A 261 -2.76 -12.99 -16.08
CA SER A 261 -3.33 -12.38 -14.86
C SER A 261 -3.98 -11.06 -15.27
N ALA A 262 -5.31 -11.00 -15.30
CA ALA A 262 -6.05 -9.81 -15.75
C ALA A 262 -6.84 -9.23 -14.55
N ILE A 263 -6.23 -9.18 -13.39
CA ILE A 263 -6.84 -8.66 -12.12
C ILE A 263 -5.99 -7.47 -11.67
N PRO A 264 -6.56 -6.60 -10.83
CA PRO A 264 -5.77 -5.50 -10.29
C PRO A 264 -4.54 -6.04 -9.61
N PRO A 265 -3.39 -5.36 -9.70
CA PRO A 265 -2.15 -5.94 -9.24
C PRO A 265 -2.24 -6.43 -7.80
N THR A 266 -2.78 -5.64 -6.88
CA THR A 266 -2.85 -6.08 -5.45
C THR A 266 -3.68 -7.33 -5.28
N LEU A 267 -4.66 -7.57 -6.15
CA LEU A 267 -5.50 -8.78 -5.99
C LEU A 267 -4.74 -10.05 -6.37
N GLY A 268 -3.54 -9.93 -6.90
CA GLY A 268 -2.61 -11.08 -7.00
C GLY A 268 -2.26 -11.66 -5.63
N MET A 269 -2.43 -10.90 -4.57
CA MET A 269 -2.20 -11.40 -3.19
C MET A 269 -3.17 -12.53 -2.85
N LYS A 270 -4.33 -12.61 -3.52
CA LYS A 270 -5.34 -13.64 -3.20
C LYS A 270 -4.90 -14.99 -3.76
N ILE A 271 -3.81 -15.06 -4.47
CA ILE A 271 -3.34 -16.29 -5.13
C ILE A 271 -2.06 -16.71 -4.39
N HIS A 272 -1.99 -17.99 -4.05
CA HIS A 272 -0.78 -18.57 -3.49
C HIS A 272 0.07 -19.08 -4.66
N PHE A 273 1.35 -18.74 -4.71
CA PHE A 273 2.20 -19.05 -5.86
C PHE A 273 3.26 -20.10 -5.49
N ASN A 274 3.43 -21.04 -6.41
CA ASN A 274 4.48 -22.05 -6.32
C ASN A 274 5.18 -22.07 -7.66
N PRO A 275 6.48 -21.75 -7.76
CA PRO A 275 7.32 -21.30 -6.66
C PRO A 275 6.85 -19.92 -6.24
N PRO A 276 7.37 -19.39 -5.12
CA PRO A 276 7.01 -18.04 -4.71
C PRO A 276 7.36 -17.04 -5.83
N LEU A 277 6.61 -15.94 -5.83
CA LEU A 277 6.91 -14.81 -6.73
C LEU A 277 8.33 -14.32 -6.47
N PRO A 278 8.99 -13.78 -7.51
CA PRO A 278 10.23 -13.07 -7.28
C PRO A 278 10.04 -11.92 -6.29
N MET A 279 11.09 -11.56 -5.54
CA MET A 279 11.02 -10.58 -4.42
C MET A 279 10.33 -9.29 -4.88
N MET A 280 10.72 -8.74 -6.03
CA MET A 280 10.17 -7.41 -6.35
C MET A 280 8.66 -7.49 -6.55
N ARG A 281 8.15 -8.48 -7.29
CA ARG A 281 6.69 -8.56 -7.40
C ARG A 281 6.01 -8.94 -6.07
N ASN A 282 6.64 -9.81 -5.30
CA ASN A 282 6.11 -10.22 -3.99
C ASN A 282 5.78 -8.96 -3.16
N GLN A 283 6.74 -8.03 -3.10
CA GLN A 283 6.50 -6.80 -2.32
C GLN A 283 5.63 -5.82 -3.11
N MET A 284 5.77 -5.70 -4.43
CA MET A 284 5.01 -4.67 -5.16
CA MET A 284 5.01 -4.68 -5.18
C MET A 284 3.51 -4.86 -4.90
N ILE A 285 3.01 -6.11 -4.87
CA ILE A 285 1.57 -6.34 -4.83
C ILE A 285 0.99 -6.04 -3.44
N THR A 286 1.80 -5.64 -2.46
CA THR A 286 1.35 -5.15 -1.15
C THR A 286 1.45 -3.63 -1.07
N ARG A 287 1.82 -2.94 -2.15
CA ARG A 287 2.19 -1.52 -2.12
C ARG A 287 1.29 -0.68 -3.03
N VAL A 288 0.24 -1.26 -3.60
CA VAL A 288 -0.49 -0.63 -4.73
C VAL A 288 -2.00 -0.78 -4.49
N PRO A 289 -2.53 0.10 -3.60
CA PRO A 289 -3.97 0.09 -3.32
C PRO A 289 -4.79 0.67 -4.46
N LEU A 290 -6.09 0.39 -4.40
CA LEU A 290 -7.06 1.10 -5.27
C LEU A 290 -7.75 2.21 -4.48
N GLY A 291 -8.23 3.22 -5.22
CA GLY A 291 -8.92 4.35 -4.59
C GLY A 291 -10.30 4.04 -4.10
N SER A 292 -10.98 5.05 -3.59
CA SER A 292 -12.25 4.90 -2.86
C SER A 292 -13.31 5.79 -3.50
N VAL A 293 -14.46 5.22 -3.84
CA VAL A 293 -15.53 6.01 -4.49
C VAL A 293 -16.86 5.30 -4.31
N ILE A 294 -17.90 6.12 -4.12
CA ILE A 294 -19.30 5.67 -4.22
C ILE A 294 -19.84 6.38 -5.45
N LYS A 295 -20.38 5.63 -6.40
CA LYS A 295 -21.05 6.23 -7.56
C LYS A 295 -22.53 6.23 -7.31
N CYS A 296 -23.16 7.42 -7.36
CA CYS A 296 -24.53 7.65 -6.87
C CYS A 296 -25.36 8.24 -8.00
N ILE A 297 -26.54 7.66 -8.28
CA ILE A 297 -27.37 8.22 -9.39
C ILE A 297 -28.74 8.55 -8.81
N VAL A 298 -29.11 9.82 -8.83
CA VAL A 298 -30.42 10.31 -8.36
C VAL A 298 -31.30 10.55 -9.58
N TYR A 299 -32.47 9.94 -9.59
CA TYR A 299 -33.44 10.07 -10.69
C TYR A 299 -34.48 11.13 -10.35
N TYR A 300 -34.93 11.78 -11.42
CA TYR A 300 -35.98 12.81 -11.36
C TYR A 300 -37.01 12.60 -12.47
N LYS A 301 -38.15 13.27 -12.30
CA LYS A 301 -39.24 13.21 -13.30
C LYS A 301 -38.81 13.78 -14.63
N GLU A 302 -37.97 14.83 -14.64
CA GLU A 302 -37.50 15.55 -15.83
C GLU A 302 -36.12 16.08 -15.57
N PRO A 303 -35.35 16.37 -16.62
CA PRO A 303 -34.01 16.97 -16.47
C PRO A 303 -34.15 18.48 -16.27
N PHE A 304 -34.70 18.81 -15.11
CA PHE A 304 -35.19 20.19 -14.78
C PHE A 304 -34.06 21.21 -14.87
N TRP A 305 -32.84 20.81 -14.60
CA TRP A 305 -31.67 21.70 -14.64
C TRP A 305 -31.51 22.32 -16.02
N ARG A 306 -31.87 21.62 -17.11
CA ARG A 306 -31.67 22.11 -18.49
C ARG A 306 -32.53 23.38 -18.69
N LYS A 307 -33.66 23.45 -18.01
CA LYS A 307 -34.61 24.59 -18.12
C LYS A 307 -33.95 25.85 -17.54
N LYS A 308 -33.00 25.73 -16.61
CA LYS A 308 -32.23 26.86 -16.06
C LYS A 308 -30.92 27.07 -16.80
N ASP A 309 -30.74 26.43 -17.95
CA ASP A 309 -29.54 26.54 -18.77
C ASP A 309 -28.33 25.98 -18.00
N TYR A 310 -28.56 24.88 -17.28
CA TYR A 310 -27.48 24.07 -16.68
C TYR A 310 -27.45 22.70 -17.31
N CYS A 311 -26.28 22.20 -17.69
CA CYS A 311 -26.21 20.90 -18.40
C CYS A 311 -26.33 19.75 -17.40
N GLY A 312 -26.02 20.00 -16.12
CA GLY A 312 -26.06 18.96 -15.08
C GLY A 312 -24.68 18.69 -14.54
N THR A 313 -23.67 19.26 -15.14
CA THR A 313 -22.28 19.17 -14.65
C THR A 313 -22.10 20.16 -13.48
N MET A 314 -21.65 19.63 -12.35
CA MET A 314 -21.36 20.42 -11.15
C MET A 314 -19.98 20.02 -10.67
N ILE A 315 -19.14 21.05 -10.45
CA ILE A 315 -17.79 20.90 -9.85
C ILE A 315 -17.82 21.59 -8.51
N ILE A 316 -17.85 20.80 -7.45
CA ILE A 316 -18.27 21.28 -6.12
C ILE A 316 -17.11 21.16 -5.15
N ASP A 317 -16.62 22.29 -4.70
CA ASP A 317 -15.53 22.39 -3.71
C ASP A 317 -16.15 22.55 -2.33
N GLY A 318 -15.67 21.87 -1.36
CA GLY A 318 -16.12 22.11 0.03
C GLY A 318 -16.13 20.81 0.77
N GLU A 319 -15.48 20.75 1.92
CA GLU A 319 -15.49 19.54 2.77
C GLU A 319 -16.94 19.13 3.04
N GLU A 320 -17.90 20.04 3.20
CA GLU A 320 -19.27 19.65 3.61
C GLU A 320 -19.94 18.95 2.43
N ALA A 321 -19.57 19.26 1.18
CA ALA A 321 -20.32 18.67 0.05
C ALA A 321 -19.99 17.17 0.00
N PRO A 322 -20.98 16.27 0.00
CA PRO A 322 -20.66 14.84 -0.12
C PRO A 322 -20.04 14.53 -1.47
N VAL A 323 -20.56 15.19 -2.51
CA VAL A 323 -20.25 14.92 -3.94
C VAL A 323 -19.47 16.08 -4.50
N ALA A 324 -18.33 15.83 -5.14
CA ALA A 324 -17.49 16.88 -5.72
C ALA A 324 -17.75 17.04 -7.23
N TYR A 325 -18.38 16.06 -7.87
CA TYR A 325 -18.52 16.10 -9.34
C TYR A 325 -19.77 15.37 -9.71
N THR A 326 -20.52 15.97 -10.63
CA THR A 326 -21.70 15.38 -11.23
C THR A 326 -21.69 15.55 -12.74
N LEU A 327 -22.42 14.65 -13.37
CA LEU A 327 -22.78 14.72 -14.80
C LEU A 327 -24.27 14.39 -14.96
N ASP A 328 -24.90 14.96 -15.98
CA ASP A 328 -26.24 14.51 -16.45
C ASP A 328 -26.20 13.04 -16.88
N ASP A 329 -27.06 12.19 -16.35
CA ASP A 329 -27.11 10.74 -16.69
C ASP A 329 -28.44 10.40 -17.36
N THR A 330 -29.16 11.40 -17.84
CA THR A 330 -30.41 11.20 -18.60
C THR A 330 -30.13 10.32 -19.82
N LYS A 331 -31.11 9.48 -20.16
CA LYS A 331 -30.94 8.61 -21.34
C LYS A 331 -30.94 9.48 -22.59
N PRO A 332 -30.38 8.97 -23.71
CA PRO A 332 -30.28 9.78 -24.92
C PRO A 332 -31.66 10.14 -25.48
N GLU A 333 -32.68 9.35 -25.14
CA GLU A 333 -34.11 9.58 -25.55
C GLU A 333 -34.71 10.75 -24.75
N GLY A 334 -34.09 11.17 -23.63
CA GLY A 334 -34.47 12.35 -22.85
C GLY A 334 -35.24 11.92 -21.63
N ASN A 335 -35.48 10.62 -21.45
CA ASN A 335 -36.22 10.05 -20.31
C ASN A 335 -35.24 9.47 -19.27
N TYR A 336 -35.79 8.97 -18.18
CA TYR A 336 -35.04 8.49 -16.99
C TYR A 336 -34.06 9.58 -16.61
N ALA A 337 -34.55 10.80 -16.47
CA ALA A 337 -33.69 11.95 -16.07
C ALA A 337 -32.93 11.62 -14.78
N ALA A 338 -31.67 11.99 -14.76
CA ALA A 338 -30.81 11.57 -13.64
C ALA A 338 -29.55 12.41 -13.56
N ILE A 339 -29.08 12.53 -12.32
CA ILE A 339 -27.77 13.15 -12.02
CA ILE A 339 -27.76 13.14 -12.04
C ILE A 339 -26.85 12.05 -11.46
N MET A 340 -25.72 11.85 -12.09
CA MET A 340 -24.66 10.97 -11.54
C MET A 340 -23.70 11.83 -10.73
N GLY A 341 -23.36 11.37 -9.54
CA GLY A 341 -22.34 12.04 -8.72
C GLY A 341 -21.37 11.06 -8.12
N PHE A 342 -20.14 11.51 -7.82
CA PHE A 342 -19.15 10.70 -7.10
C PHE A 342 -18.95 11.22 -5.70
N ILE A 343 -18.95 10.33 -4.73
CA ILE A 343 -18.45 10.58 -3.36
C ILE A 343 -17.02 10.04 -3.30
N LEU A 344 -16.03 10.93 -3.10
CA LEU A 344 -14.61 10.61 -3.44
C LEU A 344 -13.74 10.44 -2.20
N ALA A 345 -12.80 9.52 -2.28
CA ALA A 345 -11.62 9.43 -1.38
C ALA A 345 -12.07 9.38 0.07
N HIS A 346 -11.64 10.29 0.96
CA HIS A 346 -12.03 10.15 2.39
C HIS A 346 -13.55 10.19 2.57
N LYS A 347 -14.27 10.90 1.72
CA LYS A 347 -15.73 11.05 1.88
C LYS A 347 -16.40 9.70 1.63
N ALA A 348 -15.86 8.86 0.76
CA ALA A 348 -16.42 7.52 0.52
C ALA A 348 -16.29 6.70 1.80
N ARG A 349 -15.22 6.87 2.56
CA ARG A 349 -15.05 6.16 3.86
C ARG A 349 -15.98 6.80 4.89
N LYS A 350 -15.97 8.11 5.04
CA LYS A 350 -16.74 8.86 6.06
C LYS A 350 -18.24 8.62 5.86
N LEU A 351 -18.76 8.67 4.64
CA LEU A 351 -20.23 8.62 4.41
C LEU A 351 -20.75 7.19 4.18
N ALA A 352 -19.87 6.20 4.14
CA ALA A 352 -20.29 4.78 4.01
C ALA A 352 -21.09 4.35 5.24
N ARG A 353 -20.89 5.01 6.36
CA ARG A 353 -21.56 4.73 7.67
C ARG A 353 -23.07 4.96 7.53
N LEU A 354 -23.44 5.94 6.72
CA LEU A 354 -24.86 6.37 6.58
C LEU A 354 -25.68 5.27 5.90
N THR A 355 -26.99 5.34 6.01
CA THR A 355 -27.89 4.51 5.20
C THR A 355 -27.97 5.04 3.76
N LYS A 356 -28.44 4.21 2.86
CA LYS A 356 -28.71 4.61 1.45
C LYS A 356 -29.65 5.83 1.48
N GLU A 357 -30.68 5.80 2.31
CA GLU A 357 -31.67 6.90 2.37
C GLU A 357 -31.01 8.17 2.90
N GLU A 358 -30.16 8.08 3.89
CA GLU A 358 -29.42 9.27 4.39
C GLU A 358 -28.49 9.85 3.33
N ARG A 359 -27.79 9.02 2.56
CA ARG A 359 -26.95 9.57 1.46
C ARG A 359 -27.85 10.22 0.41
N LEU A 360 -28.97 9.59 0.05
CA LEU A 360 -29.86 10.25 -0.96
C LEU A 360 -30.26 11.65 -0.45
N LYS A 361 -30.64 11.78 0.81
CA LYS A 361 -31.10 13.06 1.36
C LYS A 361 -29.98 14.09 1.24
N LYS A 362 -28.77 13.73 1.68
CA LYS A 362 -27.64 14.69 1.63
C LYS A 362 -27.38 15.12 0.18
N LEU A 363 -27.44 14.18 -0.76
CA LEU A 363 -27.14 14.53 -2.18
C LEU A 363 -28.24 15.48 -2.69
N CYS A 364 -29.50 15.19 -2.41
CA CYS A 364 -30.61 16.05 -2.91
C CYS A 364 -30.48 17.46 -2.33
N GLU A 365 -30.11 17.59 -1.06
CA GLU A 365 -29.98 18.92 -0.41
C GLU A 365 -28.81 19.66 -1.10
N LEU A 366 -27.71 18.94 -1.38
CA LEU A 366 -26.58 19.57 -2.04
C LEU A 366 -27.00 20.06 -3.43
N TYR A 367 -27.60 19.18 -4.21
CA TYR A 367 -27.98 19.53 -5.60
C TYR A 367 -28.99 20.68 -5.58
N ALA A 368 -29.91 20.70 -4.61
CA ALA A 368 -30.89 21.80 -4.54
C ALA A 368 -30.15 23.12 -4.37
N LYS A 369 -29.15 23.15 -3.49
CA LYS A 369 -28.40 24.40 -3.28
C LYS A 369 -27.57 24.79 -4.50
N VAL A 370 -26.86 23.80 -5.09
CA VAL A 370 -25.93 24.12 -6.18
C VAL A 370 -26.72 24.58 -7.41
N LEU A 371 -27.82 23.90 -7.69
CA LEU A 371 -28.69 24.19 -8.87
C LEU A 371 -29.67 25.32 -8.58
N GLY A 372 -29.74 25.79 -7.33
CA GLY A 372 -30.74 26.76 -6.88
C GLY A 372 -32.15 26.29 -7.20
N SER A 373 -32.43 25.02 -6.99
CA SER A 373 -33.66 24.39 -7.49
C SER A 373 -34.29 23.52 -6.42
N LEU A 374 -35.47 23.90 -5.92
CA LEU A 374 -36.24 23.02 -5.02
C LEU A 374 -36.63 21.68 -5.68
N GLU A 375 -36.70 21.62 -7.00
CA GLU A 375 -37.07 20.35 -7.68
C GLU A 375 -36.05 19.27 -7.34
N ALA A 376 -34.83 19.61 -6.97
CA ALA A 376 -33.79 18.58 -6.67
C ALA A 376 -34.18 17.82 -5.42
N LEU A 377 -35.11 18.35 -4.60
CA LEU A 377 -35.54 17.64 -3.37
C LEU A 377 -36.62 16.61 -3.68
N GLU A 378 -36.99 16.41 -4.96
CA GLU A 378 -38.10 15.50 -5.33
C GLU A 378 -37.61 14.32 -6.17
N PRO A 379 -36.64 13.54 -5.68
CA PRO A 379 -36.17 12.40 -6.48
C PRO A 379 -37.26 11.34 -6.60
N VAL A 380 -37.22 10.59 -7.68
CA VAL A 380 -38.18 9.49 -7.94
C VAL A 380 -37.51 8.12 -7.74
N HIS A 381 -36.19 8.07 -7.67
CA HIS A 381 -35.45 6.79 -7.59
C HIS A 381 -33.99 7.10 -7.26
N TYR A 382 -33.28 6.08 -6.74
CA TYR A 382 -31.85 6.25 -6.38
C TYR A 382 -31.15 4.92 -6.56
N GLU A 383 -29.95 4.92 -7.17
CA GLU A 383 -29.05 3.75 -7.21
C GLU A 383 -27.67 4.20 -6.79
N GLU A 384 -26.92 3.32 -6.17
CA GLU A 384 -25.56 3.67 -5.77
C GLU A 384 -24.73 2.39 -5.70
N LYS A 385 -23.41 2.55 -5.75
CA LYS A 385 -22.48 1.43 -5.50
C LYS A 385 -21.20 1.98 -4.86
N ASN A 386 -20.90 1.50 -3.67
CA ASN A 386 -19.62 1.78 -2.96
C ASN A 386 -18.64 0.70 -3.41
N TRP A 387 -17.69 1.04 -4.26
CA TRP A 387 -16.69 0.08 -4.77
C TRP A 387 -15.67 -0.33 -3.72
N CYS A 388 -15.58 0.38 -2.61
CA CYS A 388 -14.62 0.00 -1.54
C CYS A 388 -15.00 -1.33 -0.91
N GLU A 389 -16.24 -1.81 -1.06
CA GLU A 389 -16.66 -3.05 -0.38
C GLU A 389 -16.38 -4.30 -1.21
N GLU A 390 -15.94 -4.16 -2.45
CA GLU A 390 -15.79 -5.31 -3.36
C GLU A 390 -14.48 -6.08 -3.11
N GLN A 391 -14.66 -7.34 -2.67
CA GLN A 391 -13.50 -8.22 -2.42
C GLN A 391 -12.67 -8.39 -3.70
N TYR A 392 -13.32 -8.50 -4.87
CA TYR A 392 -12.66 -8.85 -6.13
C TYR A 392 -12.42 -7.60 -7.00
N SER A 393 -12.50 -6.39 -6.44
CA SER A 393 -11.99 -5.17 -7.08
C SER A 393 -10.96 -4.50 -6.16
N GLY A 394 -11.31 -4.29 -4.90
CA GLY A 394 -10.42 -3.57 -3.92
C GLY A 394 -10.72 -2.08 -3.86
N GLY A 395 -11.50 -1.52 -4.81
CA GLY A 395 -11.78 -0.10 -4.93
C GLY A 395 -12.02 0.27 -6.37
N CYS A 396 -12.09 1.56 -6.65
CA CYS A 396 -12.23 2.13 -8.00
C CYS A 396 -11.69 3.55 -7.95
N TYR A 397 -11.40 4.14 -9.11
CA TYR A 397 -11.45 3.48 -10.43
C TYR A 397 -10.32 2.49 -10.61
N THR A 398 -9.16 2.81 -10.01
CA THR A 398 -7.91 2.12 -10.35
C THR A 398 -6.94 2.18 -9.20
N THR A 399 -5.82 1.55 -9.45
CA THR A 399 -4.68 1.46 -8.53
C THR A 399 -3.91 2.76 -8.50
N TYR A 400 -3.62 3.28 -7.31
CA TYR A 400 -2.74 4.45 -7.17
C TYR A 400 -1.42 3.99 -6.53
N PHE A 401 -0.39 4.77 -6.79
CA PHE A 401 0.96 4.51 -6.23
C PHE A 401 1.29 5.56 -5.17
N PRO A 402 1.50 5.14 -3.92
CA PRO A 402 1.95 6.06 -2.87
C PRO A 402 3.37 6.50 -3.14
N PRO A 403 3.86 7.52 -2.42
CA PRO A 403 5.22 8.02 -2.65
C PRO A 403 6.25 6.90 -2.56
N GLY A 404 7.21 6.89 -3.49
CA GLY A 404 8.37 6.02 -3.46
C GLY A 404 8.18 4.71 -4.20
N ILE A 405 6.95 4.31 -4.55
CA ILE A 405 6.71 2.94 -5.05
C ILE A 405 6.98 2.83 -6.52
N LEU A 406 6.55 3.79 -7.34
CA LEU A 406 6.65 3.65 -8.81
C LEU A 406 8.12 3.55 -9.24
N THR A 407 9.04 4.29 -8.63
CA THR A 407 10.46 4.20 -9.01
C THR A 407 11.05 2.87 -8.52
N GLN A 408 10.63 2.35 -7.39
CA GLN A 408 11.28 1.17 -6.79
C GLN A 408 10.71 -0.11 -7.42
N TYR A 409 9.43 -0.14 -7.75
CA TYR A 409 8.72 -1.38 -8.10
C TYR A 409 8.02 -1.27 -9.45
N GLY A 410 7.96 -0.12 -10.08
CA GLY A 410 7.13 0.03 -11.31
C GLY A 410 7.64 -0.85 -12.45
N ARG A 411 8.94 -1.07 -12.55
CA ARG A 411 9.54 -1.89 -13.65
C ARG A 411 8.90 -3.28 -13.63
N VAL A 412 8.38 -3.78 -12.49
CA VAL A 412 7.94 -5.21 -12.53
C VAL A 412 6.44 -5.31 -12.78
N LEU A 413 5.70 -4.22 -12.97
CA LEU A 413 4.23 -4.31 -13.06
C LEU A 413 3.80 -5.22 -14.21
N ARG A 414 4.43 -5.15 -15.38
CA ARG A 414 4.02 -6.05 -16.48
C ARG A 414 5.16 -6.98 -16.90
N GLN A 415 6.12 -7.16 -16.04
CA GLN A 415 7.21 -8.14 -16.35
C GLN A 415 6.67 -9.56 -16.18
N PRO A 416 6.75 -10.45 -17.18
CA PRO A 416 6.27 -11.81 -16.99
C PRO A 416 7.01 -12.53 -15.87
N VAL A 417 6.30 -13.41 -15.21
CA VAL A 417 6.83 -14.33 -14.19
C VAL A 417 6.73 -15.75 -14.77
N ASP A 418 7.84 -16.21 -15.38
CA ASP A 418 7.90 -17.53 -16.07
C ASP A 418 6.82 -17.56 -17.16
N ARG A 419 5.70 -18.24 -16.94
CA ARG A 419 4.65 -18.37 -17.96
C ARG A 419 3.40 -17.57 -17.59
N ILE A 420 3.51 -16.69 -16.59
CA ILE A 420 2.43 -15.74 -16.24
C ILE A 420 2.72 -14.37 -16.87
N TYR A 421 1.77 -13.89 -17.68
CA TYR A 421 1.81 -12.57 -18.34
C TYR A 421 0.74 -11.70 -17.69
N PHE A 422 0.97 -10.40 -17.65
CA PHE A 422 0.10 -9.50 -16.86
C PHE A 422 -0.68 -8.54 -17.73
N ALA A 423 -1.99 -8.63 -17.60
CA ALA A 423 -2.89 -7.68 -18.27
C ALA A 423 -3.49 -6.78 -17.20
N GLY A 424 -4.72 -6.32 -17.40
CA GLY A 424 -5.39 -5.36 -16.53
C GLY A 424 -5.01 -3.94 -16.85
N THR A 425 -5.95 -3.03 -16.68
CA THR A 425 -5.75 -1.64 -17.06
C THR A 425 -4.50 -1.02 -16.43
N GLU A 426 -4.15 -1.44 -15.23
CA GLU A 426 -2.98 -0.88 -14.53
C GLU A 426 -1.68 -1.04 -15.32
N THR A 427 -1.62 -2.01 -16.25
CA THR A 427 -0.42 -2.32 -17.04
C THR A 427 -0.44 -1.62 -18.39
N ALA A 428 -1.46 -0.84 -18.72
CA ALA A 428 -1.51 -0.05 -19.97
C ALA A 428 -0.59 1.15 -19.97
N THR A 429 -0.29 1.63 -21.17
CA THR A 429 0.57 2.81 -21.39
C THR A 429 -0.23 4.00 -21.94
N HIS A 430 -1.50 3.82 -22.28
CA HIS A 430 -2.40 4.87 -22.81
C HIS A 430 -3.76 4.61 -22.16
N TRP A 431 -4.26 5.57 -21.39
CA TRP A 431 -5.50 5.46 -20.62
C TRP A 431 -5.49 4.22 -19.72
N SER A 432 -4.33 3.98 -19.09
CA SER A 432 -4.28 3.14 -17.89
C SER A 432 -5.25 3.73 -16.87
N GLY A 433 -6.03 2.84 -16.24
CA GLY A 433 -7.05 3.19 -15.28
C GLY A 433 -8.44 3.14 -15.85
N TYR A 434 -8.56 3.07 -17.18
CA TYR A 434 -9.79 3.18 -17.94
C TYR A 434 -10.11 1.86 -18.66
N MET A 435 -11.31 1.81 -19.20
CA MET A 435 -11.70 0.67 -20.07
C MET A 435 -10.78 0.61 -21.29
N GLU A 436 -10.36 1.73 -21.86
CA GLU A 436 -9.38 1.75 -22.96
C GLU A 436 -8.12 1.01 -22.56
N GLY A 437 -7.52 1.36 -21.42
CA GLY A 437 -6.31 0.72 -20.97
C GLY A 437 -6.53 -0.78 -20.72
N ALA A 438 -7.70 -1.18 -20.27
CA ALA A 438 -7.98 -2.61 -20.11
C ALA A 438 -7.81 -3.31 -21.46
N VAL A 439 -8.35 -2.73 -22.51
CA VAL A 439 -8.26 -3.35 -23.85
C VAL A 439 -6.81 -3.41 -24.28
N GLU A 440 -6.09 -2.30 -24.19
CA GLU A 440 -4.67 -2.24 -24.58
C GLU A 440 -3.89 -3.36 -23.90
N ALA A 441 -4.05 -3.46 -22.58
CA ALA A 441 -3.27 -4.43 -21.79
C ALA A 441 -3.65 -5.88 -22.09
N GLY A 442 -4.94 -6.17 -22.25
CA GLY A 442 -5.41 -7.55 -22.49
C GLY A 442 -4.88 -8.02 -23.84
N GLU A 443 -4.97 -7.16 -24.84
CA GLU A 443 -4.51 -7.51 -26.21
C GLU A 443 -2.99 -7.62 -26.22
N ARG A 444 -2.26 -6.76 -25.52
CA ARG A 444 -0.81 -6.80 -25.49
C ARG A 444 -0.35 -8.08 -24.79
N ALA A 445 -0.95 -8.44 -23.65
CA ALA A 445 -0.59 -9.67 -22.91
C ALA A 445 -0.85 -10.88 -23.84
N ALA A 446 -1.99 -10.91 -24.51
CA ALA A 446 -2.31 -12.03 -25.43
C ALA A 446 -1.22 -12.11 -26.51
N ARG A 447 -0.79 -11.01 -27.08
CA ARG A 447 0.25 -11.02 -28.16
C ARG A 447 1.60 -11.42 -27.58
N GLU A 448 1.90 -11.07 -26.33
CA GLU A 448 3.15 -11.57 -25.71
C GLU A 448 3.15 -13.10 -25.75
N ILE A 449 2.03 -13.73 -25.43
CA ILE A 449 1.91 -15.20 -25.44
C ILE A 449 2.00 -15.68 -26.91
N LEU A 450 1.31 -15.05 -27.85
CA LEU A 450 1.43 -15.47 -29.28
C LEU A 450 2.90 -15.40 -29.69
N HIS A 451 3.66 -14.41 -29.25
CA HIS A 451 5.08 -14.31 -29.58
C HIS A 451 5.85 -15.45 -28.90
N ALA A 452 5.60 -15.74 -27.63
CA ALA A 452 6.24 -16.84 -26.89
C ALA A 452 6.01 -18.16 -27.63
N MET A 453 4.89 -18.30 -28.31
CA MET A 453 4.48 -19.55 -28.99
C MET A 453 5.07 -19.60 -30.39
N GLY A 454 5.73 -18.54 -30.83
CA GLY A 454 6.33 -18.41 -32.18
C GLY A 454 5.29 -18.13 -33.26
N LYS A 455 4.13 -17.59 -32.91
CA LYS A 455 3.00 -17.37 -33.84
C LYS A 455 3.10 -15.98 -34.48
N ILE A 456 3.75 -15.01 -33.83
CA ILE A 456 3.89 -13.63 -34.35
C ILE A 456 5.29 -13.16 -34.02
N PRO A 457 5.86 -12.23 -34.82
CA PRO A 457 7.17 -11.68 -34.49
C PRO A 457 7.10 -10.66 -33.35
N GLU A 458 8.25 -10.30 -32.81
CA GLU A 458 8.32 -9.42 -31.60
C GLU A 458 7.69 -8.05 -31.90
N ASP A 459 7.83 -7.51 -33.12
CA ASP A 459 7.32 -6.16 -33.47
C ASP A 459 5.80 -6.14 -33.54
N GLU A 460 5.06 -7.26 -33.39
CA GLU A 460 3.60 -7.28 -33.41
C GLU A 460 3.07 -7.37 -31.98
N ILE A 461 3.95 -7.35 -30.97
CA ILE A 461 3.44 -7.46 -29.56
C ILE A 461 2.67 -6.16 -29.21
N TRP A 462 3.29 -5.02 -29.49
CA TRP A 462 2.73 -3.66 -29.25
C TRP A 462 2.23 -3.15 -30.60
N GLN A 463 0.95 -2.85 -30.70
CA GLN A 463 0.32 -2.46 -31.98
C GLN A 463 -0.42 -1.16 -31.79
N SER A 464 -0.22 -0.24 -32.73
CA SER A 464 -0.97 1.03 -32.74
C SER A 464 -2.41 0.73 -33.13
N GLU A 465 -3.32 1.67 -32.86
CA GLU A 465 -4.77 1.49 -33.09
C GLU A 465 -5.23 2.61 -34.02
N PRO A 466 -5.86 2.27 -35.17
CA PRO A 466 -6.38 3.31 -36.04
C PRO A 466 -7.38 4.21 -35.29
N GLU A 467 -7.43 5.50 -35.62
CA GLU A 467 -8.39 6.46 -35.03
C GLU A 467 -9.82 6.04 -35.41
N SER A 468 -10.73 6.03 -34.43
CA SER A 468 -12.17 5.87 -34.64
C SER A 468 -12.67 6.87 -35.70
N VAL A 469 -13.45 6.37 -36.63
CA VAL A 469 -14.15 7.26 -37.61
C VAL A 469 -15.40 7.84 -36.96
N ASP A 470 -15.93 7.26 -35.89
CA ASP A 470 -17.19 7.70 -35.23
C ASP A 470 -16.88 8.77 -34.18
N VAL A 471 -15.68 8.74 -33.60
CA VAL A 471 -15.36 9.60 -32.44
C VAL A 471 -14.06 10.28 -32.73
N PRO A 472 -14.12 11.31 -33.60
CA PRO A 472 -12.92 12.05 -33.99
C PRO A 472 -12.33 12.82 -32.80
N ALA A 473 -11.02 12.85 -32.70
CA ALA A 473 -10.31 13.59 -31.62
C ALA A 473 -9.85 14.94 -32.15
N GLN A 474 -10.38 16.00 -31.56
CA GLN A 474 -9.85 17.34 -31.78
C GLN A 474 -8.54 17.43 -31.05
N PRO A 475 -7.54 18.11 -31.61
CA PRO A 475 -6.26 18.27 -30.94
C PRO A 475 -6.45 19.18 -29.72
N ILE A 476 -5.52 18.99 -28.79
CA ILE A 476 -5.44 19.89 -27.61
C ILE A 476 -4.55 21.08 -28.00
N THR A 477 -5.07 22.28 -27.88
CA THR A 477 -4.37 23.51 -28.33
C THR A 477 -4.27 24.44 -27.13
N THR A 478 -3.28 25.31 -27.16
CA THR A 478 -3.15 26.42 -26.20
C THR A 478 -3.08 27.73 -26.97
N THR A 479 -3.38 28.84 -26.29
CA THR A 479 -3.19 30.19 -26.86
C THR A 479 -1.78 30.69 -26.54
N PHE A 480 -1.31 31.69 -27.29
CA PHE A 480 -0.06 32.40 -26.98
C PHE A 480 -0.01 32.83 -25.50
N LEU A 481 -1.07 33.42 -25.00
CA LEU A 481 -1.05 33.97 -23.61
C LEU A 481 -0.92 32.79 -22.62
N GLU A 482 -1.65 31.71 -22.88
CA GLU A 482 -1.61 30.51 -22.00
C GLU A 482 -0.17 30.01 -21.94
N ARG A 483 0.52 29.97 -23.08
CA ARG A 483 1.91 29.45 -23.13
C ARG A 483 2.85 30.39 -22.41
N HIS A 484 2.68 31.71 -22.54
CA HIS A 484 3.79 32.65 -22.21
C HIS A 484 3.47 33.52 -20.98
N LEU A 485 2.23 33.56 -20.48
CA LEU A 485 2.01 34.35 -19.24
C LEU A 485 2.86 33.81 -18.12
N PRO A 486 3.38 34.68 -17.26
CA PRO A 486 4.24 34.21 -16.18
C PRO A 486 3.42 33.54 -15.09
N SER A 487 4.13 32.72 -14.32
CA SER A 487 3.58 32.18 -13.04
C SER A 487 3.55 33.34 -12.05
N VAL A 488 3.04 33.11 -10.86
CA VAL A 488 3.07 34.15 -9.82
C VAL A 488 4.52 34.42 -9.44
N PRO A 489 5.39 33.44 -9.12
CA PRO A 489 6.79 33.77 -8.77
C PRO A 489 7.52 34.38 -9.97
N GLY A 490 7.14 34.00 -11.18
CA GLY A 490 7.72 34.57 -12.41
C GLY A 490 7.39 36.05 -12.49
N LEU A 491 6.14 36.42 -12.18
CA LEU A 491 5.74 37.84 -12.14
C LEU A 491 6.51 38.59 -11.03
N LEU A 492 6.72 37.96 -9.87
CA LEU A 492 7.43 38.63 -8.73
C LEU A 492 8.89 38.87 -9.14
N ARG A 493 9.49 37.92 -9.84
CA ARG A 493 10.86 38.08 -10.37
C ARG A 493 10.86 39.23 -11.39
N LEU A 494 9.85 39.35 -12.27
CA LEU A 494 9.77 40.47 -13.25
C LEU A 494 9.69 41.79 -12.47
N ILE A 495 8.84 41.87 -11.45
CA ILE A 495 8.70 43.10 -10.59
C ILE A 495 10.03 43.46 -9.91
N GLY A 496 10.68 42.51 -9.24
CA GLY A 496 11.96 42.72 -8.54
C GLY A 496 13.01 43.32 -9.46
N LEU A 497 13.13 42.76 -10.67
CA LEU A 497 14.13 43.16 -11.70
C LEU A 497 13.83 44.58 -12.21
N THR A 498 12.61 44.84 -12.67
CA THR A 498 12.18 46.21 -13.11
C THR A 498 12.71 47.21 -12.09
N THR A 499 12.25 47.07 -10.85
CA THR A 499 12.52 48.02 -9.75
C THR A 499 13.96 47.78 -9.29
N ILE A 500 14.92 48.16 -10.14
CA ILE A 500 16.39 47.92 -9.98
C ILE A 500 17.10 48.66 -11.12
N SER B 1 -14.58 -32.69 8.60
CA SER B 1 -13.84 -31.46 9.09
C SER B 1 -13.20 -31.78 10.45
N ASN B 2 -12.06 -31.17 10.73
CA ASN B 2 -11.38 -31.27 12.04
C ASN B 2 -12.01 -30.25 12.99
N LYS B 3 -12.61 -30.66 14.12
CA LYS B 3 -13.38 -29.74 14.97
C LYS B 3 -12.56 -29.34 16.16
N CYS B 4 -12.58 -28.05 16.49
CA CYS B 4 -11.84 -27.53 17.64
C CYS B 4 -12.56 -26.31 18.20
N ASP B 5 -12.10 -25.79 19.31
CA ASP B 5 -12.66 -24.56 19.90
C ASP B 5 -12.18 -23.32 19.10
N VAL B 6 -10.86 -23.21 18.87
CA VAL B 6 -10.29 -22.00 18.22
C VAL B 6 -9.25 -22.44 17.20
N VAL B 7 -9.35 -21.92 16.00
CA VAL B 7 -8.29 -22.01 14.97
C VAL B 7 -7.45 -20.72 15.05
N VAL B 8 -6.14 -20.90 15.15
CA VAL B 8 -5.17 -19.77 15.11
C VAL B 8 -4.50 -19.87 13.76
N VAL B 9 -4.65 -18.80 12.97
CA VAL B 9 -4.00 -18.72 11.66
C VAL B 9 -2.63 -18.07 11.85
N GLY B 10 -1.58 -18.84 11.65
CA GLY B 10 -0.21 -18.33 11.83
C GLY B 10 0.44 -18.86 13.08
N GLY B 11 1.62 -19.42 12.89
CA GLY B 11 2.47 -19.95 13.94
C GLY B 11 3.76 -19.19 14.17
N GLY B 12 3.67 -17.86 14.07
CA GLY B 12 4.70 -17.00 14.65
C GLY B 12 4.54 -16.85 16.13
N ILE B 13 5.30 -15.95 16.73
CA ILE B 13 5.22 -15.75 18.19
C ILE B 13 3.83 -15.34 18.59
N SER B 14 3.14 -14.53 17.81
CA SER B 14 1.82 -14.05 18.23
C SER B 14 0.82 -15.20 18.24
N GLY B 15 0.74 -15.96 17.17
CA GLY B 15 -0.20 -17.09 17.08
C GLY B 15 0.15 -18.16 18.10
N MET B 16 1.43 -18.44 18.31
CA MET B 16 1.84 -19.44 19.34
C MET B 16 1.47 -18.93 20.72
N ALA B 17 1.70 -17.65 21.05
CA ALA B 17 1.38 -17.11 22.38
C ALA B 17 -0.11 -17.20 22.62
N ALA B 18 -0.90 -16.88 21.58
CA ALA B 18 -2.40 -16.95 21.67
C ALA B 18 -2.80 -18.43 21.91
N ALA B 19 -2.26 -19.33 21.09
CA ALA B 19 -2.63 -20.77 21.15
C ALA B 19 -2.23 -21.29 22.53
N LYS B 20 -1.06 -20.97 23.05
CA LYS B 20 -0.63 -21.46 24.39
C LYS B 20 -1.61 -20.99 25.46
N LEU B 21 -1.99 -19.70 25.45
CA LEU B 21 -2.88 -19.16 26.50
C LEU B 21 -4.23 -19.91 26.41
N LEU B 22 -4.78 -20.12 25.22
CA LEU B 22 -6.08 -20.80 25.09
C LEU B 22 -5.94 -22.26 25.52
N HIS B 23 -4.90 -22.93 25.11
CA HIS B 23 -4.59 -24.34 25.51
C HIS B 23 -4.50 -24.46 27.01
N ASP B 24 -3.81 -23.54 27.67
CA ASP B 24 -3.57 -23.55 29.11
C ASP B 24 -4.92 -23.35 29.82
N SER B 25 -5.86 -22.68 29.18
CA SER B 25 -7.22 -22.42 29.76
CA SER B 25 -7.21 -22.43 29.78
C SER B 25 -8.14 -23.62 29.53
N GLY B 26 -7.68 -24.65 28.84
CA GLY B 26 -8.45 -25.90 28.63
C GLY B 26 -9.22 -25.93 27.32
N LEU B 27 -8.99 -24.99 26.39
CA LEU B 27 -9.62 -25.05 25.07
C LEU B 27 -8.79 -25.89 24.11
N ASN B 28 -9.48 -26.50 23.17
CA ASN B 28 -8.89 -27.27 22.06
C ASN B 28 -8.54 -26.28 20.94
N VAL B 29 -7.23 -26.13 20.70
CA VAL B 29 -6.73 -25.16 19.69
C VAL B 29 -6.05 -25.93 18.61
N VAL B 30 -6.11 -25.37 17.40
CA VAL B 30 -5.31 -25.82 16.27
C VAL B 30 -4.59 -24.57 15.73
N VAL B 31 -3.33 -24.74 15.41
CA VAL B 31 -2.54 -23.70 14.71
C VAL B 31 -2.31 -24.12 13.29
N LEU B 32 -2.73 -23.29 12.35
CA LEU B 32 -2.56 -23.59 10.93
C LEU B 32 -1.42 -22.68 10.42
N GLU B 33 -0.32 -23.29 10.06
CA GLU B 33 0.91 -22.56 9.67
C GLU B 33 1.19 -22.83 8.19
N ALA B 34 1.36 -21.79 7.38
CA ALA B 34 1.57 -21.92 5.94
C ALA B 34 2.90 -22.62 5.67
N ARG B 35 3.96 -22.23 6.37
CA ARG B 35 5.31 -22.74 6.08
C ARG B 35 5.55 -24.15 6.63
N ASP B 36 6.67 -24.76 6.25
CA ASP B 36 7.15 -26.01 6.85
C ASP B 36 7.93 -25.79 8.14
N ARG B 37 7.80 -24.63 8.77
CA ARG B 37 8.41 -24.27 10.03
C ARG B 37 7.49 -23.32 10.76
N VAL B 38 7.72 -23.21 12.08
CA VAL B 38 7.11 -22.16 12.91
C VAL B 38 8.10 -21.02 13.04
N GLY B 39 7.60 -19.93 13.60
CA GLY B 39 8.43 -18.79 13.95
C GLY B 39 8.25 -17.56 13.07
N GLY B 40 7.84 -17.72 11.85
CA GLY B 40 7.47 -16.56 11.03
C GLY B 40 8.68 -15.64 10.80
N ARG B 41 8.56 -14.38 11.25
CA ARG B 41 9.62 -13.37 11.10
C ARG B 41 10.76 -13.59 12.11
N THR B 42 10.69 -14.62 12.93
CA THR B 42 11.86 -15.21 13.64
C THR B 42 12.26 -16.49 12.93
N TYR B 43 13.56 -16.70 12.79
CA TYR B 43 14.11 -17.90 12.13
C TYR B 43 15.52 -18.04 12.68
N THR B 44 15.73 -19.12 13.39
CA THR B 44 17.08 -19.46 13.91
C THR B 44 17.63 -20.63 13.08
N LEU B 45 18.72 -20.40 12.37
CA LEU B 45 19.40 -21.45 11.57
C LEU B 45 20.48 -22.08 12.41
N ARG B 46 20.62 -23.40 12.41
CA ARG B 46 21.70 -24.07 13.14
C ARG B 46 22.61 -24.78 12.14
N ASN B 47 23.92 -24.63 12.29
CA ASN B 47 24.93 -25.45 11.56
C ASN B 47 26.24 -25.38 12.31
N GLN B 48 27.24 -26.21 11.94
CA GLN B 48 28.49 -26.31 12.70
C GLN B 48 29.27 -24.97 12.63
N LYS B 49 29.13 -24.25 11.54
CA LYS B 49 29.96 -23.02 11.36
C LYS B 49 29.48 -21.89 12.25
N VAL B 50 28.16 -21.82 12.55
CA VAL B 50 27.58 -20.67 13.31
C VAL B 50 27.12 -21.10 14.69
N LYS B 51 26.98 -22.43 14.90
CA LYS B 51 26.25 -23.07 16.03
C LYS B 51 24.77 -22.74 15.88
N TYR B 52 24.39 -21.51 16.11
CA TYR B 52 23.04 -21.01 15.80
C TYR B 52 23.13 -19.53 15.40
N VAL B 53 22.19 -19.06 14.57
CA VAL B 53 22.15 -17.62 14.21
C VAL B 53 20.68 -17.23 13.98
N ASP B 54 20.34 -16.08 14.55
CA ASP B 54 19.03 -15.44 14.26
C ASP B 54 19.11 -14.74 12.90
N LEU B 55 18.35 -15.19 11.91
CA LEU B 55 18.28 -14.53 10.60
C LEU B 55 17.08 -13.59 10.53
N GLY B 56 16.17 -13.69 11.50
CA GLY B 56 15.03 -12.81 11.69
C GLY B 56 15.14 -12.07 13.00
N GLY B 57 14.02 -11.78 13.62
CA GLY B 57 14.02 -11.03 14.87
C GLY B 57 14.88 -11.69 15.92
N SER B 58 15.64 -10.89 16.67
CA SER B 58 16.64 -11.45 17.63
C SER B 58 16.65 -10.76 18.98
N TYR B 59 16.59 -9.43 19.02
CA TYR B 59 16.94 -8.66 20.23
C TYR B 59 15.70 -8.50 21.11
N VAL B 60 15.98 -8.52 22.40
CA VAL B 60 15.00 -8.16 23.44
C VAL B 60 15.69 -7.24 24.43
N GLY B 61 14.91 -6.51 25.20
CA GLY B 61 15.51 -5.61 26.18
C GLY B 61 14.54 -5.13 27.22
N PRO B 62 15.08 -4.30 28.12
CA PRO B 62 14.26 -3.78 29.22
C PRO B 62 12.96 -3.15 28.71
N THR B 63 11.89 -3.40 29.49
CA THR B 63 10.49 -2.96 29.30
C THR B 63 9.75 -3.93 28.40
N GLN B 64 10.43 -4.94 27.82
CA GLN B 64 9.76 -5.97 27.00
C GLN B 64 9.44 -7.16 27.90
N ASN B 65 8.53 -6.94 28.83
CA ASN B 65 8.39 -7.91 29.96
C ASN B 65 7.62 -9.13 29.53
N ARG B 66 6.76 -9.04 28.53
CA ARG B 66 5.94 -10.19 28.12
C ARG B 66 6.79 -11.24 27.39
N ILE B 67 7.60 -10.83 26.41
CA ILE B 67 8.47 -11.81 25.71
C ILE B 67 9.48 -12.38 26.71
N LEU B 68 9.98 -11.55 27.60
CA LEU B 68 10.95 -12.08 28.60
C LEU B 68 10.28 -13.13 29.52
N ARG B 69 9.06 -12.88 29.93
CA ARG B 69 8.32 -13.84 30.80
C ARG B 69 8.01 -15.12 30.02
N LEU B 70 7.48 -15.01 28.81
CA LEU B 70 7.14 -16.18 27.99
C LEU B 70 8.39 -17.00 27.74
N ALA B 71 9.50 -16.37 27.30
CA ALA B 71 10.73 -17.12 27.06
C ALA B 71 11.24 -17.80 28.34
N LYS B 72 11.21 -17.10 29.48
CA LYS B 72 11.69 -17.69 30.75
C LYS B 72 10.87 -18.92 31.09
N GLU B 73 9.57 -18.87 30.88
CA GLU B 73 8.69 -20.01 31.19
C GLU B 73 9.00 -21.21 30.29
N LEU B 74 9.41 -20.97 29.04
CA LEU B 74 9.82 -22.00 28.09
C LEU B 74 11.28 -22.50 28.28
N GLY B 75 11.98 -21.94 29.24
CA GLY B 75 13.32 -22.44 29.63
C GLY B 75 14.45 -21.67 28.99
N LEU B 76 14.20 -20.52 28.37
CA LEU B 76 15.25 -19.75 27.67
C LEU B 76 15.92 -18.76 28.60
N GLU B 77 17.15 -18.40 28.24
CA GLU B 77 18.03 -17.45 28.95
C GLU B 77 18.47 -16.39 27.93
N THR B 78 18.83 -15.24 28.46
CA THR B 78 19.35 -14.18 27.57
C THR B 78 20.84 -14.00 27.86
N TYR B 79 21.50 -13.31 26.93
CA TYR B 79 22.84 -12.76 27.19
C TYR B 79 22.88 -11.36 26.59
N LYS B 80 23.83 -10.56 27.05
CA LYS B 80 23.93 -9.14 26.60
C LYS B 80 24.74 -9.05 25.32
N VAL B 81 24.20 -8.27 24.41
CA VAL B 81 24.89 -7.84 23.19
C VAL B 81 26.13 -7.05 23.64
N ASN B 82 27.25 -7.30 22.98
CA ASN B 82 28.50 -6.66 23.41
C ASN B 82 28.43 -5.14 23.18
N GLU B 83 28.54 -4.36 24.25
CA GLU B 83 28.62 -2.88 24.18
C GLU B 83 29.67 -2.39 25.20
N VAL B 84 30.68 -3.21 25.47
CA VAL B 84 31.70 -2.80 26.46
C VAL B 84 32.57 -1.67 25.91
N GLU B 85 33.01 -1.79 24.65
CA GLU B 85 33.96 -0.84 24.03
C GLU B 85 33.20 0.24 23.26
N ARG B 86 33.90 0.97 22.40
CA ARG B 86 33.33 2.18 21.78
C ARG B 86 32.47 1.83 20.59
N LEU B 87 31.40 2.59 20.41
CA LEU B 87 30.59 2.55 19.19
C LEU B 87 31.33 3.36 18.13
N ILE B 88 30.96 3.18 16.88
CA ILE B 88 31.52 4.02 15.81
C ILE B 88 30.44 4.71 15.02
N HIS B 89 30.61 6.01 14.78
CA HIS B 89 29.83 6.74 13.78
C HIS B 89 30.77 7.02 12.60
N HIS B 90 30.46 6.49 11.42
CA HIS B 90 31.28 6.70 10.22
C HIS B 90 30.63 7.78 9.37
N VAL B 91 31.30 8.94 9.27
CA VAL B 91 30.73 10.16 8.65
C VAL B 91 31.76 10.70 7.64
N LYS B 92 31.30 10.96 6.40
CA LYS B 92 32.18 11.51 5.33
C LYS B 92 33.52 10.76 5.30
N GLY B 93 33.46 9.42 5.28
CA GLY B 93 34.64 8.57 5.05
C GLY B 93 35.58 8.44 6.23
N LYS B 94 35.19 8.83 7.46
CA LYS B 94 36.03 8.67 8.66
C LYS B 94 35.20 8.11 9.81
N SER B 95 35.83 7.27 10.61
CA SER B 95 35.25 6.71 11.84
C SER B 95 35.51 7.61 13.04
N TYR B 96 34.43 7.89 13.76
CA TYR B 96 34.45 8.68 14.99
C TYR B 96 33.94 7.79 16.11
N PRO B 97 34.83 7.25 16.95
CA PRO B 97 34.36 6.41 18.04
C PRO B 97 33.68 7.21 19.14
N PHE B 98 32.73 6.63 19.85
CA PHE B 98 32.00 7.33 20.90
C PHE B 98 31.44 6.35 21.91
N ARG B 99 30.96 6.91 23.03
CA ARG B 99 30.20 6.19 24.06
C ARG B 99 28.85 6.86 24.26
N GLY B 100 27.91 6.17 24.91
CA GLY B 100 26.55 6.72 25.08
C GLY B 100 25.76 6.41 23.82
N PRO B 101 24.42 6.40 23.90
CA PRO B 101 23.63 5.87 22.80
C PRO B 101 23.58 6.73 21.55
N PHE B 102 23.67 8.07 21.71
CA PHE B 102 23.46 9.01 20.59
C PHE B 102 24.81 9.43 20.05
N PRO B 103 24.99 9.34 18.73
CA PRO B 103 26.22 9.79 18.12
C PRO B 103 26.41 11.28 18.41
N PRO B 104 27.52 11.69 18.96
CA PRO B 104 27.75 13.09 19.30
C PRO B 104 28.20 13.98 18.13
N VAL B 105 28.00 15.28 18.31
CA VAL B 105 28.49 16.27 17.31
C VAL B 105 29.15 17.41 18.08
N TRP B 106 30.08 18.01 17.36
CA TRP B 106 31.01 19.02 17.94
C TRP B 106 30.68 20.44 17.46
N ASN B 107 30.14 20.61 16.26
CA ASN B 107 29.80 21.96 15.76
C ASN B 107 28.63 22.47 16.59
N PRO B 108 28.66 23.69 17.18
CA PRO B 108 27.59 24.15 18.06
C PRO B 108 26.23 24.29 17.37
N ILE B 109 26.21 24.65 16.09
CA ILE B 109 24.92 24.80 15.36
C ILE B 109 24.35 23.38 15.14
N THR B 110 25.21 22.50 14.65
CA THR B 110 24.83 21.10 14.41
C THR B 110 24.37 20.49 15.72
N TYR B 111 25.07 20.75 16.83
CA TYR B 111 24.67 20.25 18.17
C TYR B 111 23.23 20.67 18.46
N LEU B 112 22.89 21.95 18.33
CA LEU B 112 21.52 22.42 18.66
C LEU B 112 20.50 21.67 17.77
N ASP B 113 20.85 21.51 16.51
CA ASP B 113 19.94 20.91 15.50
C ASP B 113 19.70 19.42 15.87
N HIS B 114 20.76 18.67 16.14
CA HIS B 114 20.60 17.25 16.54
C HIS B 114 19.81 17.15 17.84
N ASN B 115 20.19 17.93 18.87
CA ASN B 115 19.49 17.90 20.16
C ASN B 115 18.00 18.16 19.92
N ASN B 116 17.67 19.14 19.09
CA ASN B 116 16.27 19.55 18.90
C ASN B 116 15.53 18.43 18.15
N PHE B 117 16.22 17.76 17.23
CA PHE B 117 15.55 16.70 16.43
C PHE B 117 15.06 15.62 17.39
N TRP B 118 15.96 15.05 18.21
CA TRP B 118 15.56 13.92 19.06
C TRP B 118 14.53 14.38 20.08
N ARG B 119 14.76 15.55 20.69
CA ARG B 119 13.82 16.11 21.68
C ARG B 119 12.43 16.29 21.06
N THR B 120 12.36 16.79 19.85
CA THR B 120 11.08 17.06 19.14
C THR B 120 10.36 15.75 18.83
N MET B 121 11.09 14.71 18.45
CA MET B 121 10.43 13.39 18.21
C MET B 121 9.69 12.94 19.48
N ASP B 122 10.32 13.09 20.65
CA ASP B 122 9.68 12.67 21.91
C ASP B 122 8.59 13.67 22.34
N ASP B 123 8.77 14.96 22.10
CA ASP B 123 7.72 15.95 22.46
C ASP B 123 6.46 15.63 21.66
N MET B 124 6.62 15.38 20.37
CA MET B 124 5.43 15.07 19.52
C MET B 124 4.78 13.78 19.98
N GLY B 125 5.60 12.78 20.32
CA GLY B 125 5.08 11.49 20.78
C GLY B 125 4.23 11.58 22.03
N ARG B 126 4.52 12.55 22.92
CA ARG B 126 3.77 12.67 24.18
C ARG B 126 2.30 13.01 23.91
N GLU B 127 1.95 13.49 22.71
CA GLU B 127 0.57 13.85 22.38
C GLU B 127 -0.11 12.71 21.64
N ILE B 128 0.54 11.54 21.51
CA ILE B 128 0.00 10.45 20.67
C ILE B 128 -0.38 9.29 21.56
N PRO B 129 -1.67 8.99 21.72
CA PRO B 129 -2.08 7.83 22.51
C PRO B 129 -1.56 6.52 21.93
N SER B 130 -0.90 5.70 22.74
CA SER B 130 -0.38 4.40 22.26
C SER B 130 -1.48 3.52 21.67
N ASP B 131 -2.62 3.51 22.33
CA ASP B 131 -3.74 2.65 21.93
C ASP B 131 -4.66 3.29 20.90
N ALA B 132 -4.33 4.48 20.38
CA ALA B 132 -5.24 5.17 19.47
C ALA B 132 -4.52 6.37 18.89
N PRO B 133 -3.49 6.15 18.07
CA PRO B 133 -2.73 7.27 17.54
C PRO B 133 -3.57 8.25 16.70
N TRP B 134 -4.65 7.78 16.11
CA TRP B 134 -5.58 8.63 15.33
C TRP B 134 -6.30 9.62 16.24
N LYS B 135 -6.19 9.49 17.55
CA LYS B 135 -6.75 10.47 18.52
C LYS B 135 -5.74 11.53 18.93
N ALA B 136 -4.54 11.55 18.36
CA ALA B 136 -3.60 12.65 18.62
C ALA B 136 -4.27 13.95 18.21
N PRO B 137 -4.05 15.03 18.97
CA PRO B 137 -4.70 16.29 18.62
C PRO B 137 -4.37 16.77 17.21
N LEU B 138 -3.16 16.55 16.71
CA LEU B 138 -2.77 16.91 15.32
C LEU B 138 -2.72 15.67 14.42
N ALA B 139 -3.56 14.68 14.67
CA ALA B 139 -3.46 13.39 13.94
C ALA B 139 -3.53 13.60 12.44
N GLU B 140 -4.49 14.39 11.97
CA GLU B 140 -4.62 14.54 10.49
C GLU B 140 -3.42 15.26 9.93
N GLU B 141 -3.03 16.37 10.53
CA GLU B 141 -1.88 17.12 10.04
C GLU B 141 -0.64 16.22 9.94
N TRP B 142 -0.37 15.48 10.98
CA TRP B 142 0.84 14.63 11.02
C TRP B 142 0.69 13.40 10.11
N ASP B 143 -0.50 12.88 9.92
CA ASP B 143 -0.70 11.68 9.08
C ASP B 143 -0.59 12.06 7.61
N ASN B 144 -0.82 13.33 7.28
CA ASN B 144 -0.86 13.78 5.87
C ASN B 144 0.50 14.23 5.39
N MET B 145 1.52 14.07 6.21
CA MET B 145 2.92 14.42 5.88
C MET B 145 3.72 13.12 5.93
N THR B 146 4.74 12.99 5.10
CA THR B 146 5.71 11.89 5.28
C THR B 146 6.77 12.29 6.29
N MET B 147 7.55 11.32 6.75
CA MET B 147 8.71 11.66 7.60
C MET B 147 9.72 12.49 6.82
N LYS B 148 9.79 12.35 5.51
CA LYS B 148 10.72 13.19 4.72
C LYS B 148 10.31 14.66 4.87
N GLU B 149 9.03 14.96 4.75
CA GLU B 149 8.52 16.34 4.93
C GLU B 149 8.82 16.84 6.33
N LEU B 150 8.59 16.02 7.33
CA LEU B 150 8.84 16.46 8.73
C LEU B 150 10.34 16.75 8.90
N LEU B 151 11.23 15.89 8.43
CA LEU B 151 12.67 16.12 8.61
C LEU B 151 13.10 17.37 7.83
N ASP B 152 12.54 17.58 6.66
CA ASP B 152 12.80 18.82 5.88
C ASP B 152 12.45 20.06 6.70
N LYS B 153 11.36 20.07 7.46
CA LYS B 153 10.91 21.21 8.30
C LYS B 153 11.85 21.33 9.49
N LEU B 154 12.17 20.21 10.14
CA LEU B 154 12.79 20.26 11.48
C LEU B 154 14.29 20.46 11.39
N CYS B 155 14.95 19.83 10.45
CA CYS B 155 16.43 19.74 10.41
C CYS B 155 16.98 20.93 9.65
N TRP B 156 17.66 21.83 10.35
CA TRP B 156 18.37 22.93 9.65
C TRP B 156 19.74 22.54 9.10
N THR B 157 20.33 21.41 9.50
CA THR B 157 21.64 20.94 9.07
C THR B 157 21.47 19.65 8.28
N GLU B 158 22.35 19.46 7.33
CA GLU B 158 22.44 18.19 6.56
C GLU B 158 22.87 17.07 7.50
N SER B 159 23.75 17.36 8.46
CA SER B 159 24.24 16.38 9.46
C SER B 159 23.02 15.78 10.16
N ALA B 160 22.14 16.61 10.72
CA ALA B 160 20.97 16.11 11.48
C ALA B 160 20.04 15.37 10.52
N LYS B 161 19.86 15.89 9.32
CA LYS B 161 18.88 15.28 8.39
C LYS B 161 19.39 13.90 7.99
N GLN B 162 20.67 13.73 7.78
CA GLN B 162 21.27 12.45 7.35
C GLN B 162 21.11 11.45 8.52
N LEU B 163 21.39 11.84 9.74
CA LEU B 163 21.28 10.90 10.88
C LEU B 163 19.81 10.58 11.15
N ALA B 164 18.92 11.54 11.07
CA ALA B 164 17.47 11.30 11.27
C ALA B 164 16.97 10.33 10.18
N THR B 165 17.47 10.50 8.97
CA THR B 165 17.11 9.60 7.85
C THR B 165 17.54 8.16 8.17
N LEU B 166 18.78 7.98 8.64
CA LEU B 166 19.30 6.66 8.98
C LEU B 166 18.39 6.08 10.08
N PHE B 167 18.03 6.89 11.10
CA PHE B 167 17.15 6.48 12.20
C PHE B 167 15.88 5.89 11.66
N VAL B 168 15.23 6.62 10.75
CA VAL B 168 13.97 6.08 10.18
C VAL B 168 14.27 4.79 9.41
N ASN B 169 15.23 4.79 8.52
CA ASN B 169 15.54 3.63 7.66
C ASN B 169 15.77 2.40 8.57
N LEU B 170 16.52 2.57 9.64
CA LEU B 170 16.92 1.43 10.52
C LEU B 170 15.73 1.00 11.38
N CYS B 171 14.98 1.93 11.92
CA CYS B 171 13.90 1.60 12.84
CA CYS B 171 13.88 1.58 12.87
C CYS B 171 12.75 0.87 12.12
N VAL B 172 12.42 1.31 10.90
CA VAL B 172 11.18 0.85 10.22
C VAL B 172 11.45 0.37 8.78
N THR B 173 12.70 0.10 8.41
CA THR B 173 13.12 -0.54 7.15
C THR B 173 12.37 0.08 5.96
N ALA B 174 12.29 1.41 6.00
CA ALA B 174 11.52 2.14 4.98
C ALA B 174 12.14 3.53 4.81
N GLU B 175 11.93 4.07 3.62
CA GLU B 175 12.43 5.41 3.34
C GLU B 175 11.57 6.44 4.06
N THR B 176 12.14 7.60 4.35
CA THR B 176 11.42 8.70 5.05
C THR B 176 10.22 9.15 4.20
N HIS B 177 10.34 9.11 2.88
CA HIS B 177 9.24 9.57 2.01
C HIS B 177 8.17 8.49 1.88
N GLU B 178 8.37 7.24 2.35
CA GLU B 178 7.36 6.18 2.22
C GLU B 178 6.34 6.23 3.34
N VAL B 179 6.75 6.74 4.51
CA VAL B 179 6.00 6.54 5.78
C VAL B 179 5.34 7.83 6.29
N SER B 180 4.15 7.68 6.86
CA SER B 180 3.44 8.74 7.59
C SER B 180 4.25 9.23 8.81
N ALA B 181 4.34 10.53 8.97
CA ALA B 181 4.94 11.11 10.19
C ALA B 181 4.15 10.70 11.44
N LEU B 182 2.82 10.73 11.43
CA LEU B 182 2.06 10.32 12.63
C LEU B 182 2.43 8.87 12.97
N TRP B 183 2.42 7.99 11.98
CA TRP B 183 2.66 6.56 12.26
C TRP B 183 4.08 6.39 12.82
N PHE B 184 5.08 7.04 12.25
CA PHE B 184 6.47 6.88 12.71
C PHE B 184 6.56 7.40 14.15
N LEU B 185 6.00 8.56 14.42
CA LEU B 185 6.07 9.17 15.76
C LEU B 185 5.37 8.25 16.79
N TRP B 186 4.22 7.69 16.43
CA TRP B 186 3.54 6.70 17.28
C TRP B 186 4.49 5.53 17.53
N TYR B 187 5.10 5.03 16.46
CA TYR B 187 5.91 3.80 16.53
C TYR B 187 7.02 3.99 17.53
N VAL B 188 7.68 5.13 17.50
CA VAL B 188 8.78 5.43 18.45
C VAL B 188 8.21 5.57 19.85
N LYS B 189 7.13 6.33 20.02
CA LYS B 189 6.61 6.59 21.37
C LYS B 189 6.14 5.29 22.06
N GLN B 190 5.54 4.37 21.27
CA GLN B 190 4.98 3.11 21.81
C GLN B 190 6.10 2.12 22.14
N CYS B 191 7.35 2.41 21.80
CA CYS B 191 8.51 1.65 22.30
C CYS B 191 9.15 2.35 23.50
N GLY B 192 8.62 3.48 23.94
CA GLY B 192 9.18 4.19 25.11
C GLY B 192 10.00 5.39 24.73
N GLY B 193 10.05 5.77 23.46
CA GLY B 193 10.72 6.98 22.99
C GLY B 193 12.10 6.75 22.34
N THR B 194 12.77 7.79 21.98
CA THR B 194 13.95 7.73 21.13
C THR B 194 15.07 6.97 21.86
N THR B 195 15.35 7.35 23.11
CA THR B 195 16.50 6.71 23.80
C THR B 195 16.26 5.22 23.89
N ARG B 196 15.07 4.80 24.32
CA ARG B 196 14.79 3.39 24.52
C ARG B 196 14.93 2.63 23.20
N ILE B 197 14.38 3.17 22.11
CA ILE B 197 14.35 2.42 20.84
C ILE B 197 15.74 2.31 20.24
N ILE B 198 16.61 3.29 20.44
CA ILE B 198 17.93 3.26 19.74
C ILE B 198 19.00 2.58 20.61
N SER B 199 18.73 2.36 21.87
CA SER B 199 19.77 1.91 22.82
C SER B 199 20.00 0.40 22.75
N THR B 200 21.27 -0.01 22.89
CA THR B 200 21.64 -1.40 23.19
C THR B 200 21.56 -1.51 24.72
N THR B 201 22.56 -0.99 25.44
CA THR B 201 22.46 -0.97 26.91
C THR B 201 21.20 -0.18 27.30
N ASN B 202 20.31 -0.77 28.10
CA ASN B 202 19.09 -0.11 28.59
C ASN B 202 18.09 0.15 27.47
N GLY B 203 18.14 -0.57 26.34
CA GLY B 203 17.11 -0.38 25.32
C GLY B 203 16.78 -1.64 24.55
N GLY B 204 16.14 -1.46 23.42
CA GLY B 204 15.60 -2.59 22.65
C GLY B 204 16.64 -3.60 22.21
N GLN B 205 17.90 -3.21 22.01
CA GLN B 205 18.90 -4.16 21.49
C GLN B 205 19.80 -4.70 22.60
N GLU B 206 19.35 -4.72 23.85
CA GLU B 206 20.28 -5.04 24.95
C GLU B 206 20.68 -6.51 24.89
N ARG B 207 19.73 -7.42 24.58
CA ARG B 207 19.96 -8.84 24.78
C ARG B 207 19.55 -9.66 23.56
N LYS B 208 20.02 -10.90 23.57
CA LYS B 208 19.59 -11.95 22.62
C LYS B 208 19.29 -13.20 23.44
N PHE B 209 18.55 -14.11 22.88
CA PHE B 209 18.29 -15.41 23.54
C PHE B 209 19.43 -16.39 23.24
N VAL B 210 19.93 -17.00 24.32
CA VAL B 210 20.88 -18.13 24.17
C VAL B 210 20.21 -19.21 23.31
N GLY B 211 20.78 -19.61 22.21
CA GLY B 211 20.25 -20.64 21.27
C GLY B 211 19.30 -20.12 20.22
N GLY B 212 18.92 -18.81 20.26
CA GLY B 212 18.13 -18.21 19.20
C GLY B 212 16.70 -17.93 19.57
N SER B 213 16.10 -16.89 18.99
CA SER B 213 14.71 -16.52 19.30
C SER B 213 13.73 -17.52 18.69
N GLY B 214 14.08 -18.27 17.66
CA GLY B 214 13.19 -19.27 17.07
C GLY B 214 12.75 -20.27 18.12
N GLN B 215 13.50 -20.43 19.19
CA GLN B 215 13.14 -21.40 20.24
C GLN B 215 11.81 -20.99 20.87
N VAL B 216 11.44 -19.71 20.89
CA VAL B 216 10.15 -19.34 21.53
C VAL B 216 9.04 -20.09 20.78
N SER B 217 8.92 -19.95 19.46
CA SER B 217 7.85 -20.57 18.66
C SER B 217 8.05 -22.08 18.67
N GLU B 218 9.27 -22.55 18.56
CA GLU B 218 9.53 -24.00 18.48
C GLU B 218 9.11 -24.67 19.79
N ARG B 219 9.42 -24.06 20.91
CA ARG B 219 9.08 -24.71 22.20
C ARG B 219 7.58 -24.65 22.46
N ILE B 220 6.86 -23.66 21.96
CA ILE B 220 5.38 -23.71 22.06
C ILE B 220 4.86 -24.78 21.11
N MET B 221 5.42 -24.94 19.93
CA MET B 221 5.02 -26.06 19.07
C MET B 221 5.29 -27.39 19.79
N ASP B 222 6.38 -27.48 20.54
CA ASP B 222 6.72 -28.72 21.26
C ASP B 222 5.57 -28.98 22.24
N LEU B 223 5.14 -27.96 22.97
CA LEU B 223 4.02 -28.17 23.93
C LEU B 223 2.76 -28.62 23.21
N LEU B 224 2.42 -28.01 22.07
CA LEU B 224 1.08 -28.22 21.47
C LEU B 224 1.05 -29.53 20.66
N GLY B 225 2.21 -30.10 20.25
CA GLY B 225 2.26 -31.36 19.49
C GLY B 225 1.59 -31.22 18.16
N ASP B 226 0.71 -32.18 17.88
CA ASP B 226 0.12 -32.27 16.52
C ASP B 226 -1.08 -31.34 16.41
N ARG B 227 -1.30 -30.44 17.37
CA ARG B 227 -2.26 -29.32 17.24
C ARG B 227 -1.69 -28.27 16.25
N VAL B 228 -0.38 -28.30 16.01
CA VAL B 228 0.28 -27.40 15.04
C VAL B 228 0.34 -28.17 13.74
N LYS B 229 -0.24 -27.57 12.68
CA LYS B 229 -0.34 -28.15 11.34
C LYS B 229 0.57 -27.33 10.43
N LEU B 230 1.71 -27.88 10.06
CA LEU B 230 2.66 -27.18 9.16
C LEU B 230 2.26 -27.41 7.72
N GLU B 231 2.63 -26.48 6.83
CA GLU B 231 2.25 -26.55 5.40
C GLU B 231 0.73 -26.58 5.23
N ARG B 232 0.05 -25.77 6.00
CA ARG B 232 -1.40 -25.54 5.92
C ARG B 232 -1.66 -24.04 5.74
N PRO B 233 -1.36 -23.49 4.56
CA PRO B 233 -1.75 -22.12 4.27
C PRO B 233 -3.28 -22.03 4.25
N VAL B 234 -3.83 -21.12 5.00
CA VAL B 234 -5.29 -20.83 4.99
C VAL B 234 -5.64 -20.06 3.74
N ILE B 235 -6.67 -20.52 3.02
CA ILE B 235 -7.14 -19.91 1.75
C ILE B 235 -8.56 -19.33 1.88
N TYR B 236 -9.34 -19.76 2.87
CA TYR B 236 -10.79 -19.49 2.92
C TYR B 236 -11.30 -19.59 4.33
N ILE B 237 -12.04 -18.57 4.72
CA ILE B 237 -12.76 -18.50 6.01
C ILE B 237 -14.23 -18.18 5.73
N ASP B 238 -15.10 -19.06 6.23
CA ASP B 238 -16.56 -18.96 6.00
C ASP B 238 -17.21 -18.80 7.35
N GLN B 239 -17.88 -17.69 7.55
CA GLN B 239 -18.59 -17.38 8.80
C GLN B 239 -20.11 -17.37 8.62
N THR B 240 -20.60 -17.96 7.58
CA THR B 240 -22.06 -17.92 7.31
C THR B 240 -22.81 -18.93 8.17
N ARG B 241 -22.17 -19.91 8.79
CA ARG B 241 -22.89 -20.99 9.54
C ARG B 241 -22.61 -20.91 11.03
N GLU B 242 -23.21 -21.84 11.77
CA GLU B 242 -23.15 -21.96 13.24
C GLU B 242 -21.69 -21.94 13.70
N ASN B 243 -20.86 -22.74 13.05
CA ASN B 243 -19.41 -22.81 13.39
C ASN B 243 -18.63 -22.18 12.24
N VAL B 244 -17.46 -21.61 12.54
CA VAL B 244 -16.58 -21.02 11.52
C VAL B 244 -15.87 -22.14 10.78
N LEU B 245 -15.77 -22.06 9.47
CA LEU B 245 -15.08 -23.05 8.63
C LEU B 245 -13.80 -22.37 8.13
N VAL B 246 -12.68 -23.05 8.30
CA VAL B 246 -11.36 -22.60 7.80
C VAL B 246 -10.79 -23.65 6.87
N GLU B 247 -10.55 -23.28 5.62
CA GLU B 247 -10.01 -24.21 4.63
C GLU B 247 -8.54 -23.88 4.32
N THR B 248 -7.72 -24.91 4.18
CA THR B 248 -6.31 -24.81 3.78
C THR B 248 -6.08 -25.19 2.31
N LEU B 249 -4.90 -24.82 1.79
CA LEU B 249 -4.53 -25.00 0.39
C LEU B 249 -4.42 -26.50 0.08
N ASN B 250 -4.09 -27.32 1.07
CA ASN B 250 -3.97 -28.80 0.92
C ASN B 250 -5.31 -29.46 1.21
N HIS B 251 -6.43 -28.73 1.15
CA HIS B 251 -7.83 -29.23 1.01
C HIS B 251 -8.46 -29.61 2.36
N GLU B 252 -7.78 -29.35 3.46
CA GLU B 252 -8.32 -29.70 4.78
C GLU B 252 -9.30 -28.65 5.24
N MET B 253 -10.29 -29.07 6.01
CA MET B 253 -11.31 -28.18 6.55
C MET B 253 -11.25 -28.27 8.07
N TYR B 254 -11.28 -27.12 8.75
CA TYR B 254 -11.26 -26.98 10.22
C TYR B 254 -12.52 -26.23 10.59
N GLU B 255 -13.17 -26.67 11.64
CA GLU B 255 -14.39 -26.07 12.18
C GLU B 255 -14.10 -25.65 13.60
N ALA B 256 -14.43 -24.43 13.96
CA ALA B 256 -14.15 -23.84 15.26
C ALA B 256 -15.25 -22.87 15.66
N LYS B 257 -15.28 -22.52 16.94
CA LYS B 257 -16.15 -21.49 17.48
C LYS B 257 -15.63 -20.10 17.09
N TYR B 258 -14.32 -19.95 17.11
CA TYR B 258 -13.67 -18.62 16.87
C TYR B 258 -12.36 -18.85 16.12
N VAL B 259 -11.88 -17.77 15.50
CA VAL B 259 -10.59 -17.76 14.75
C VAL B 259 -9.75 -16.58 15.28
N ILE B 260 -8.46 -16.83 15.43
CA ILE B 260 -7.46 -15.76 15.64
C ILE B 260 -6.61 -15.64 14.38
N SER B 261 -6.66 -14.46 13.77
CA SER B 261 -5.77 -14.13 12.65
C SER B 261 -4.47 -13.57 13.19
N ALA B 262 -3.40 -14.36 13.15
CA ALA B 262 -2.11 -13.96 13.73
C ALA B 262 -1.07 -13.76 12.63
N ILE B 263 -1.47 -13.14 11.53
CA ILE B 263 -0.60 -12.91 10.36
C ILE B 263 -0.53 -11.41 10.13
N PRO B 264 0.55 -10.94 9.45
CA PRO B 264 0.63 -9.52 9.12
C PRO B 264 -0.66 -9.07 8.44
N PRO B 265 -1.13 -7.85 8.69
CA PRO B 265 -2.42 -7.42 8.19
C PRO B 265 -2.59 -7.63 6.69
N THR B 266 -1.62 -7.25 5.88
CA THR B 266 -1.78 -7.34 4.44
C THR B 266 -1.89 -8.81 4.00
N LEU B 267 -1.33 -9.75 4.72
CA LEU B 267 -1.40 -11.17 4.30
C LEU B 267 -2.81 -11.72 4.54
N GLY B 268 -3.73 -10.98 5.17
CA GLY B 268 -5.17 -11.32 5.10
C GLY B 268 -5.67 -11.34 3.69
N MET B 269 -4.98 -10.67 2.77
CA MET B 269 -5.40 -10.68 1.35
C MET B 269 -5.33 -12.09 0.74
N LYS B 270 -4.52 -12.96 1.31
CA LYS B 270 -4.33 -14.32 0.78
C LYS B 270 -5.50 -15.25 1.16
N ILE B 271 -6.44 -14.77 1.91
CA ILE B 271 -7.65 -15.51 2.35
C ILE B 271 -8.86 -14.93 1.63
N HIS B 272 -9.69 -15.82 1.10
CA HIS B 272 -10.97 -15.46 0.50
C HIS B 272 -12.01 -15.57 1.61
N PHE B 273 -12.79 -14.52 1.84
CA PHE B 273 -13.74 -14.42 2.97
C PHE B 273 -15.18 -14.57 2.50
N ASN B 274 -15.93 -15.35 3.26
CA ASN B 274 -17.40 -15.46 3.08
C ASN B 274 -18.05 -15.29 4.43
N PRO B 275 -18.89 -14.26 4.67
CA PRO B 275 -19.18 -13.20 3.72
C PRO B 275 -17.95 -12.32 3.51
N PRO B 276 -17.97 -11.42 2.52
CA PRO B 276 -16.84 -10.50 2.30
C PRO B 276 -16.55 -9.75 3.59
N LEU B 277 -15.31 -9.31 3.71
CA LEU B 277 -14.95 -8.44 4.85
C LEU B 277 -15.75 -7.16 4.75
N PRO B 278 -15.94 -6.50 5.90
CA PRO B 278 -16.46 -5.15 5.89
C PRO B 278 -15.55 -4.21 5.07
N MET B 279 -16.13 -3.20 4.44
CA MET B 279 -15.43 -2.29 3.51
C MET B 279 -14.10 -1.78 4.08
N MET B 280 -14.10 -1.35 5.35
CA MET B 280 -12.91 -0.64 5.82
C MET B 280 -11.77 -1.64 5.93
N ARG B 281 -12.04 -2.84 6.42
CA ARG B 281 -10.95 -3.87 6.45
C ARG B 281 -10.56 -4.34 5.05
N ASN B 282 -11.53 -4.50 4.16
CA ASN B 282 -11.27 -4.92 2.78
C ASN B 282 -10.23 -4.00 2.16
N GLN B 283 -10.40 -2.68 2.31
CA GLN B 283 -9.39 -1.71 1.77
C GLN B 283 -8.15 -1.62 2.66
N MET B 284 -8.27 -1.68 3.97
CA MET B 284 -7.10 -1.51 4.88
CA MET B 284 -7.09 -1.49 4.87
C MET B 284 -5.99 -2.49 4.51
N ILE B 285 -6.35 -3.75 4.25
CA ILE B 285 -5.34 -4.82 4.08
C ILE B 285 -4.63 -4.68 2.71
N THR B 286 -5.00 -3.71 1.86
CA THR B 286 -4.30 -3.37 0.62
C THR B 286 -3.40 -2.15 0.81
N ARG B 287 -3.37 -1.56 2.01
CA ARG B 287 -2.75 -0.23 2.23
C ARG B 287 -1.56 -0.28 3.20
N VAL B 288 -1.15 -1.47 3.63
CA VAL B 288 -0.26 -1.64 4.81
C VAL B 288 0.89 -2.59 4.45
N PRO B 289 1.88 -2.12 3.68
CA PRO B 289 3.03 -2.91 3.29
C PRO B 289 3.97 -3.17 4.46
N LEU B 290 4.84 -4.15 4.30
CA LEU B 290 6.00 -4.34 5.22
C LEU B 290 7.27 -3.80 4.58
N GLY B 291 8.21 -3.44 5.44
CA GLY B 291 9.48 -2.88 4.99
C GLY B 291 10.40 -3.92 4.37
N SER B 292 11.58 -3.44 3.99
CA SER B 292 12.55 -4.21 3.19
C SER B 292 13.90 -4.27 3.90
N VAL B 293 14.44 -5.48 4.06
CA VAL B 293 15.70 -5.65 4.76
C VAL B 293 16.33 -6.98 4.36
N ILE B 294 17.65 -6.94 4.28
CA ILE B 294 18.51 -8.13 4.23
C ILE B 294 19.30 -8.12 5.52
N LYS B 295 19.18 -9.18 6.30
CA LYS B 295 19.99 -9.33 7.53
C LYS B 295 21.19 -10.22 7.19
N CYS B 296 22.39 -9.70 7.45
CA CYS B 296 23.63 -10.30 6.98
C CYS B 296 24.55 -10.51 8.17
N ILE B 297 25.15 -11.69 8.26
CA ILE B 297 26.06 -12.01 9.37
C ILE B 297 27.38 -12.53 8.80
N VAL B 298 28.46 -11.77 9.05
CA VAL B 298 29.82 -12.12 8.59
C VAL B 298 30.60 -12.64 9.79
N TYR B 299 31.16 -13.84 9.63
CA TYR B 299 31.87 -14.54 10.72
C TYR B 299 33.39 -14.39 10.53
N TYR B 300 34.07 -14.31 11.67
CA TYR B 300 35.54 -14.16 11.71
C TYR B 300 36.15 -15.12 12.71
N LYS B 301 37.46 -15.29 12.59
CA LYS B 301 38.17 -16.14 13.56
C LYS B 301 38.06 -15.60 14.98
N GLU B 302 38.15 -14.30 15.19
CA GLU B 302 38.11 -13.66 16.51
C GLU B 302 37.33 -12.36 16.42
N PRO B 303 36.85 -11.82 17.53
CA PRO B 303 36.18 -10.50 17.54
C PRO B 303 37.23 -9.40 17.58
N PHE B 304 37.94 -9.25 16.47
CA PHE B 304 39.20 -8.49 16.36
C PHE B 304 38.98 -7.01 16.70
N TRP B 305 37.79 -6.50 16.42
CA TRP B 305 37.42 -5.11 16.68
C TRP B 305 37.62 -4.75 18.15
N ARG B 306 37.39 -5.71 19.03
CA ARG B 306 37.54 -5.45 20.47
C ARG B 306 38.98 -5.05 20.82
N LYS B 307 39.94 -5.52 20.07
CA LYS B 307 41.39 -5.22 20.34
C LYS B 307 41.62 -3.74 20.11
N LYS B 308 40.84 -3.08 19.26
CA LYS B 308 40.94 -1.62 18.97
C LYS B 308 39.99 -0.81 19.81
N ASP B 309 39.42 -1.41 20.88
CA ASP B 309 38.45 -0.75 21.75
C ASP B 309 37.23 -0.29 20.95
N TYR B 310 36.80 -1.15 20.02
CA TYR B 310 35.50 -0.99 19.33
C TYR B 310 34.60 -2.15 19.72
N CYS B 311 33.32 -1.88 19.99
CA CYS B 311 32.40 -2.96 20.47
C CYS B 311 31.84 -3.74 19.28
N GLY B 312 31.89 -3.18 18.08
CA GLY B 312 31.34 -3.79 16.87
C GLY B 312 30.10 -3.08 16.38
N THR B 313 29.57 -2.14 17.14
CA THR B 313 28.49 -1.26 16.67
C THR B 313 29.06 -0.24 15.70
N MET B 314 28.48 -0.17 14.53
CA MET B 314 28.82 0.86 13.52
C MET B 314 27.53 1.51 13.05
N ILE B 315 27.56 2.83 12.99
CA ILE B 315 26.42 3.62 12.41
C ILE B 315 27.03 4.33 11.21
N ILE B 316 26.61 3.96 10.00
CA ILE B 316 27.38 4.32 8.77
C ILE B 316 26.47 5.18 7.91
N ASP B 317 26.82 6.46 7.80
CA ASP B 317 25.96 7.41 7.07
C ASP B 317 26.18 7.20 5.56
N GLY B 318 25.19 7.64 4.81
CA GLY B 318 25.38 7.92 3.37
C GLY B 318 24.89 6.85 2.42
N GLU B 319 24.80 7.19 1.14
CA GLU B 319 24.21 6.30 0.13
C GLU B 319 25.12 5.13 -0.24
N GLU B 320 26.42 5.34 -0.31
CA GLU B 320 27.38 4.36 -0.85
C GLU B 320 27.41 3.08 0.02
N ALA B 321 27.36 3.21 1.34
CA ALA B 321 27.53 2.08 2.25
C ALA B 321 26.37 1.11 2.08
N PRO B 322 26.60 -0.19 1.87
CA PRO B 322 25.46 -1.12 1.76
C PRO B 322 24.70 -1.29 3.06
N VAL B 323 25.42 -1.21 4.14
CA VAL B 323 24.95 -1.48 5.52
C VAL B 323 25.08 -0.19 6.29
N ALA B 324 24.00 0.27 6.93
CA ALA B 324 24.01 1.49 7.74
C ALA B 324 24.21 1.26 9.21
N TYR B 325 24.04 0.00 9.65
CA TYR B 325 24.07 -0.34 11.08
C TYR B 325 24.52 -1.77 11.28
N THR B 326 25.40 -1.93 12.25
CA THR B 326 25.88 -3.24 12.69
C THR B 326 25.90 -3.36 14.19
N LEU B 327 25.88 -4.60 14.65
CA LEU B 327 26.13 -4.97 16.05
C LEU B 327 27.07 -6.18 16.08
N ASP B 328 27.83 -6.30 17.15
CA ASP B 328 28.61 -7.51 17.42
C ASP B 328 27.66 -8.70 17.64
N ASP B 329 27.81 -9.77 16.88
CA ASP B 329 26.95 -10.98 16.98
C ASP B 329 27.73 -12.15 17.56
N THR B 330 28.89 -11.90 18.16
CA THR B 330 29.69 -12.97 18.82
C THR B 330 28.88 -13.61 19.95
N LYS B 331 29.07 -14.91 20.12
CA LYS B 331 28.41 -15.69 21.18
C LYS B 331 28.99 -15.25 22.52
N PRO B 332 28.26 -15.55 23.59
CA PRO B 332 28.57 -15.03 24.90
C PRO B 332 29.92 -15.56 25.34
N GLU B 333 30.38 -16.68 24.78
CA GLU B 333 31.63 -17.33 25.21
C GLU B 333 32.82 -16.69 24.47
N GLY B 334 32.57 -15.83 23.48
CA GLY B 334 33.65 -15.10 22.80
C GLY B 334 33.95 -15.82 21.52
N ASN B 335 33.22 -16.89 21.25
CA ASN B 335 33.45 -17.66 20.02
C ASN B 335 32.33 -17.39 19.01
N TYR B 336 32.54 -17.96 17.86
CA TYR B 336 31.75 -17.69 16.63
C TYR B 336 31.71 -16.16 16.45
N ALA B 337 32.88 -15.53 16.47
CA ALA B 337 32.93 -14.06 16.31
C ALA B 337 32.21 -13.67 15.02
N ALA B 338 31.43 -12.58 15.10
CA ALA B 338 30.62 -12.20 13.92
C ALA B 338 30.14 -10.77 14.07
N ILE B 339 29.90 -10.13 12.91
CA ILE B 339 29.23 -8.82 12.79
C ILE B 339 27.88 -9.00 12.10
N MET B 340 26.82 -8.55 12.73
CA MET B 340 25.46 -8.52 12.12
C MET B 340 25.28 -7.12 11.49
N GLY B 341 24.85 -7.08 10.25
CA GLY B 341 24.49 -5.80 9.65
C GLY B 341 23.20 -5.91 8.88
N PHE B 342 22.55 -4.80 8.72
CA PHE B 342 21.31 -4.69 7.94
C PHE B 342 21.55 -3.89 6.67
N ILE B 343 21.06 -4.46 5.56
CA ILE B 343 20.92 -3.72 4.28
C ILE B 343 19.47 -3.26 4.23
N LEU B 344 19.27 -1.94 4.28
CA LEU B 344 17.93 -1.36 4.59
C LEU B 344 17.20 -0.78 3.39
N ALA B 345 15.90 -0.97 3.38
CA ALA B 345 14.97 -0.16 2.54
C ALA B 345 15.40 -0.22 1.07
N HIS B 346 15.60 0.89 0.36
CA HIS B 346 15.91 0.80 -1.08
C HIS B 346 17.19 0.01 -1.32
N LYS B 347 18.13 -0.04 -0.35
CA LYS B 347 19.37 -0.77 -0.63
C LYS B 347 19.09 -2.28 -0.66
N ALA B 348 18.10 -2.77 0.08
CA ALA B 348 17.72 -4.19 0.07
C ALA B 348 17.25 -4.47 -1.34
N ARG B 349 16.49 -3.56 -1.92
CA ARG B 349 15.96 -3.80 -3.28
C ARG B 349 17.11 -3.69 -4.29
N LYS B 350 17.97 -2.70 -4.16
CA LYS B 350 19.08 -2.48 -5.12
C LYS B 350 20.06 -3.65 -5.10
N LEU B 351 20.48 -4.09 -3.92
CA LEU B 351 21.58 -5.04 -3.79
C LEU B 351 21.12 -6.51 -3.84
N ALA B 352 19.83 -6.73 -3.92
CA ALA B 352 19.25 -8.11 -4.05
C ALA B 352 19.67 -8.73 -5.38
N ARG B 353 19.97 -7.96 -6.41
CA ARG B 353 20.36 -8.46 -7.76
C ARG B 353 21.78 -9.05 -7.74
N LEU B 354 22.55 -8.75 -6.71
CA LEU B 354 23.92 -9.31 -6.56
C LEU B 354 23.86 -10.77 -6.11
N THR B 355 24.97 -11.48 -6.29
CA THR B 355 25.12 -12.78 -5.65
C THR B 355 25.46 -12.65 -4.17
N LYS B 356 25.30 -13.73 -3.44
CA LYS B 356 25.66 -13.82 -2.03
C LYS B 356 27.15 -13.48 -1.86
N GLU B 357 28.01 -14.01 -2.73
CA GLU B 357 29.45 -13.77 -2.64
C GLU B 357 29.75 -12.30 -2.94
N GLU B 358 29.04 -11.65 -3.88
CA GLU B 358 29.22 -10.23 -4.14
C GLU B 358 28.78 -9.38 -2.93
N ARG B 359 27.67 -9.68 -2.29
CA ARG B 359 27.30 -8.94 -1.06
C ARG B 359 28.39 -9.16 -0.03
N LEU B 360 28.84 -10.39 0.19
CA LEU B 360 29.87 -10.64 1.22
C LEU B 360 31.10 -9.74 0.97
N LYS B 361 31.57 -9.65 -0.27
CA LYS B 361 32.76 -8.81 -0.56
C LYS B 361 32.48 -7.35 -0.23
N LYS B 362 31.31 -6.80 -0.62
CA LYS B 362 30.96 -5.40 -0.35
C LYS B 362 30.97 -5.19 1.18
N LEU B 363 30.38 -6.10 1.94
CA LEU B 363 30.27 -5.90 3.40
C LEU B 363 31.66 -5.96 4.01
N CYS B 364 32.48 -6.94 3.63
CA CYS B 364 33.84 -7.06 4.21
C CYS B 364 34.66 -5.79 3.91
N GLU B 365 34.58 -5.27 2.70
CA GLU B 365 35.32 -4.05 2.33
C GLU B 365 34.80 -2.85 3.12
N LEU B 366 33.50 -2.75 3.34
CA LEU B 366 32.95 -1.67 4.15
C LEU B 366 33.49 -1.79 5.60
N TYR B 367 33.37 -2.97 6.18
CA TYR B 367 33.77 -3.18 7.57
C TYR B 367 35.26 -2.94 7.72
N ALA B 368 36.06 -3.29 6.74
CA ALA B 368 37.53 -3.03 6.78
C ALA B 368 37.79 -1.53 6.87
N LYS B 369 37.06 -0.76 6.12
CA LYS B 369 37.15 0.72 6.15
C LYS B 369 36.74 1.23 7.52
N VAL B 370 35.56 0.85 7.99
CA VAL B 370 34.95 1.48 9.17
C VAL B 370 35.71 1.05 10.43
N LEU B 371 36.05 -0.23 10.56
CA LEU B 371 36.83 -0.74 11.71
C LEU B 371 38.32 -0.46 11.53
N GLY B 372 38.74 -0.01 10.38
CA GLY B 372 40.19 0.26 10.14
C GLY B 372 41.02 -0.96 10.36
N SER B 373 40.60 -2.09 9.82
CA SER B 373 41.23 -3.40 10.05
C SER B 373 41.18 -4.24 8.79
N LEU B 374 42.34 -4.75 8.35
CA LEU B 374 42.41 -5.72 7.26
C LEU B 374 41.80 -7.05 7.67
N GLU B 375 41.69 -7.31 8.98
CA GLU B 375 41.10 -8.59 9.42
C GLU B 375 39.69 -8.71 8.89
N ALA B 376 38.98 -7.62 8.63
CA ALA B 376 37.58 -7.66 8.13
C ALA B 376 37.53 -8.32 6.74
N LEU B 377 38.66 -8.38 6.05
CA LEU B 377 38.69 -8.92 4.67
C LEU B 377 38.89 -10.43 4.68
N GLU B 378 38.94 -11.07 5.86
CA GLU B 378 39.20 -12.51 5.98
C GLU B 378 38.04 -13.21 6.67
N PRO B 379 36.83 -13.13 6.12
CA PRO B 379 35.71 -13.83 6.77
C PRO B 379 35.91 -15.35 6.71
N VAL B 380 35.33 -16.04 7.66
CA VAL B 380 35.38 -17.52 7.71
C VAL B 380 34.04 -18.13 7.31
N HIS B 381 32.97 -17.34 7.33
CA HIS B 381 31.63 -17.85 7.01
C HIS B 381 30.73 -16.64 6.77
N TYR B 382 29.58 -16.89 6.15
CA TYR B 382 28.58 -15.83 5.87
C TYR B 382 27.19 -16.45 5.90
N GLU B 383 26.22 -15.77 6.51
CA GLU B 383 24.81 -16.16 6.43
C GLU B 383 24.00 -14.87 6.18
N GLU B 384 22.96 -14.96 5.36
CA GLU B 384 22.10 -13.83 5.11
C GLU B 384 20.67 -14.28 4.85
N LYS B 385 19.73 -13.36 5.01
CA LYS B 385 18.33 -13.59 4.64
C LYS B 385 17.74 -12.28 4.14
N ASN B 386 17.19 -12.36 2.94
CA ASN B 386 16.41 -11.26 2.33
C ASN B 386 14.93 -11.51 2.60
N TRP B 387 14.35 -10.75 3.54
CA TRP B 387 12.98 -10.96 3.96
C TRP B 387 11.99 -10.43 2.92
N CYS B 388 12.47 -9.71 1.92
CA CYS B 388 11.57 -9.20 0.87
C CYS B 388 11.06 -10.37 0.06
N GLU B 389 11.75 -11.51 0.04
CA GLU B 389 11.36 -12.61 -0.84
C GLU B 389 10.28 -13.51 -0.22
N GLU B 390 9.87 -13.29 1.03
CA GLU B 390 9.03 -14.26 1.76
C GLU B 390 7.54 -14.07 1.42
N GLN B 391 6.94 -15.03 0.75
CA GLN B 391 5.49 -15.00 0.45
C GLN B 391 4.66 -14.84 1.73
N TYR B 392 5.04 -15.51 2.81
CA TYR B 392 4.20 -15.57 4.03
C TYR B 392 4.73 -14.60 5.11
N SER B 393 5.63 -13.67 4.78
CA SER B 393 5.89 -12.49 5.63
C SER B 393 5.51 -11.20 4.91
N GLY B 394 6.00 -11.04 3.69
CA GLY B 394 5.82 -9.78 2.93
C GLY B 394 6.97 -8.80 3.13
N GLY B 395 7.86 -9.03 4.07
CA GLY B 395 9.00 -8.14 4.38
C GLY B 395 9.35 -8.25 5.86
N CYS B 396 10.17 -7.31 6.36
CA CYS B 396 10.53 -7.21 7.78
C CYS B 396 10.97 -5.77 8.01
N TYR B 397 11.02 -5.32 9.28
CA TYR B 397 10.60 -6.07 10.46
C TYR B 397 9.10 -6.14 10.56
N THR B 398 8.41 -5.10 10.09
CA THR B 398 6.99 -4.92 10.40
C THR B 398 6.28 -4.16 9.28
N THR B 399 5.00 -3.97 9.49
CA THR B 399 4.14 -3.16 8.62
C THR B 399 4.34 -1.69 8.88
N TYR B 400 4.49 -0.94 7.81
CA TYR B 400 4.52 0.54 7.90
C TYR B 400 3.24 1.10 7.30
N PHE B 401 2.92 2.32 7.71
CA PHE B 401 1.71 3.03 7.24
C PHE B 401 2.14 4.21 6.39
N PRO B 402 1.81 4.21 5.08
CA PRO B 402 2.06 5.38 4.22
C PRO B 402 1.18 6.53 4.64
N PRO B 403 1.49 7.74 4.14
CA PRO B 403 0.68 8.92 4.51
C PRO B 403 -0.81 8.70 4.25
N GLY B 404 -1.59 9.13 5.23
CA GLY B 404 -3.05 9.18 5.20
C GLY B 404 -3.73 7.93 5.67
N ILE B 405 -3.00 6.83 5.90
CA ILE B 405 -3.69 5.53 6.11
C ILE B 405 -4.04 5.33 7.58
N LEU B 406 -3.18 5.69 8.52
CA LEU B 406 -3.43 5.37 9.93
C LEU B 406 -4.68 6.08 10.44
N THR B 407 -4.89 7.34 10.04
CA THR B 407 -6.09 8.07 10.50
C THR B 407 -7.34 7.49 9.85
N GLN B 408 -7.27 7.06 8.60
CA GLN B 408 -8.47 6.59 7.88
C GLN B 408 -8.81 5.16 8.21
N TYR B 409 -7.81 4.32 8.48
CA TYR B 409 -8.05 2.87 8.61
C TYR B 409 -7.50 2.30 9.90
N GLY B 410 -6.76 3.06 10.70
CA GLY B 410 -6.08 2.49 11.89
C GLY B 410 -7.04 1.80 12.88
N ARG B 411 -8.23 2.37 13.04
CA ARG B 411 -9.22 1.87 14.00
C ARG B 411 -9.61 0.43 13.64
N VAL B 412 -9.49 0.03 12.37
CA VAL B 412 -9.93 -1.30 11.89
C VAL B 412 -8.97 -2.37 12.36
N LEU B 413 -7.69 -2.04 12.68
CA LEU B 413 -6.67 -3.12 12.71
C LEU B 413 -7.07 -4.20 13.69
N ARG B 414 -7.53 -3.87 14.88
CA ARG B 414 -7.80 -4.96 15.82
C ARG B 414 -9.30 -5.09 16.05
N GLN B 415 -10.14 -4.52 15.18
CA GLN B 415 -11.61 -4.65 15.33
C GLN B 415 -12.00 -6.08 14.96
N PRO B 416 -12.70 -6.86 15.84
CA PRO B 416 -13.11 -8.20 15.41
C PRO B 416 -14.08 -8.17 14.20
N VAL B 417 -14.03 -9.20 13.35
CA VAL B 417 -14.97 -9.42 12.22
C VAL B 417 -15.76 -10.67 12.55
N ASP B 418 -16.90 -10.42 13.19
CA ASP B 418 -17.82 -11.51 13.63
C ASP B 418 -17.04 -12.35 14.64
N ARG B 419 -16.56 -13.53 14.27
CA ARG B 419 -15.88 -14.46 15.22
C ARG B 419 -14.39 -14.58 14.86
N ILE B 420 -13.86 -13.64 14.07
CA ILE B 420 -12.39 -13.54 13.84
C ILE B 420 -11.85 -12.38 14.68
N TYR B 421 -10.85 -12.67 15.50
CA TYR B 421 -10.13 -11.73 16.37
C TYR B 421 -8.71 -11.60 15.79
N PHE B 422 -8.09 -10.47 16.00
CA PHE B 422 -6.83 -10.14 15.29
C PHE B 422 -5.69 -9.99 16.28
N ALA B 423 -4.67 -10.81 16.08
CA ALA B 423 -3.41 -10.80 16.84
C ALA B 423 -2.36 -10.28 15.86
N GLY B 424 -1.13 -10.69 16.03
CA GLY B 424 0.01 -10.15 15.27
C GLY B 424 0.58 -8.90 15.90
N THR B 425 1.91 -8.72 15.79
CA THR B 425 2.60 -7.61 16.48
C THR B 425 2.07 -6.25 16.01
N GLU B 426 1.55 -6.18 14.78
CA GLU B 426 0.98 -4.92 14.22
C GLU B 426 -0.19 -4.41 15.07
N THR B 427 -0.85 -5.27 15.84
CA THR B 427 -2.02 -4.90 16.66
C THR B 427 -1.64 -4.60 18.10
N ALA B 428 -0.39 -4.65 18.50
CA ALA B 428 0.05 -4.34 19.89
C ALA B 428 0.04 -2.84 20.13
N THR B 429 0.06 -2.49 21.41
CA THR B 429 0.10 -1.08 21.84
C THR B 429 1.42 -0.72 22.51
N HIS B 430 2.30 -1.69 22.75
CA HIS B 430 3.64 -1.47 23.35
C HIS B 430 4.59 -2.40 22.58
N TRP B 431 5.64 -1.85 22.01
CA TRP B 431 6.59 -2.58 21.16
C TRP B 431 5.87 -3.35 20.07
N SER B 432 4.84 -2.75 19.49
CA SER B 432 4.33 -3.18 18.17
C SER B 432 5.51 -3.15 17.20
N GLY B 433 5.61 -4.20 16.37
CA GLY B 433 6.73 -4.38 15.44
C GLY B 433 7.73 -5.38 15.93
N TYR B 434 7.71 -5.68 17.22
CA TYR B 434 8.70 -6.52 17.90
C TYR B 434 8.07 -7.83 18.37
N MET B 435 8.94 -8.71 18.83
CA MET B 435 8.52 -9.97 19.46
C MET B 435 7.68 -9.66 20.71
N GLU B 436 8.04 -8.63 21.49
CA GLU B 436 7.23 -8.21 22.65
C GLU B 436 5.77 -7.92 22.21
N GLY B 437 5.59 -7.12 21.15
CA GLY B 437 4.25 -6.79 20.65
C GLY B 437 3.52 -8.05 20.15
N ALA B 438 4.21 -9.00 19.55
CA ALA B 438 3.62 -10.27 19.14
C ALA B 438 2.95 -10.95 20.36
N VAL B 439 3.68 -11.02 21.47
CA VAL B 439 3.14 -11.71 22.69
C VAL B 439 1.94 -10.90 23.21
N GLU B 440 2.06 -9.58 23.38
CA GLU B 440 0.96 -8.74 23.82
C GLU B 440 -0.29 -9.02 22.99
N ALA B 441 -0.17 -8.99 21.67
CA ALA B 441 -1.36 -9.05 20.80
C ALA B 441 -1.95 -10.45 20.83
N GLY B 442 -1.12 -11.50 20.84
CA GLY B 442 -1.65 -12.87 20.82
C GLY B 442 -2.40 -13.14 22.12
N GLU B 443 -1.85 -12.74 23.25
CA GLU B 443 -2.51 -12.95 24.55
C GLU B 443 -3.77 -12.11 24.64
N ARG B 444 -3.75 -10.87 24.17
CA ARG B 444 -4.97 -10.04 24.19
C ARG B 444 -6.05 -10.64 23.29
N ALA B 445 -5.75 -11.06 22.05
CA ALA B 445 -6.73 -11.71 21.16
C ALA B 445 -7.28 -12.96 21.82
N ALA B 446 -6.45 -13.77 22.43
CA ALA B 446 -6.92 -14.98 23.13
C ALA B 446 -7.91 -14.58 24.23
N ARG B 447 -7.58 -13.60 25.03
CA ARG B 447 -8.49 -13.16 26.13
C ARG B 447 -9.76 -12.51 25.60
N GLU B 448 -9.75 -11.86 24.42
CA GLU B 448 -11.01 -11.38 23.81
C GLU B 448 -11.94 -12.61 23.61
N ILE B 449 -11.40 -13.72 23.13
CA ILE B 449 -12.20 -14.93 22.89
C ILE B 449 -12.65 -15.48 24.25
N LEU B 450 -11.79 -15.55 25.24
CA LEU B 450 -12.24 -16.10 26.57
C LEU B 450 -13.38 -15.21 27.06
N HIS B 451 -13.35 -13.90 26.83
CA HIS B 451 -14.41 -12.98 27.29
C HIS B 451 -15.66 -13.25 26.47
N ALA B 452 -15.53 -13.46 25.18
CA ALA B 452 -16.69 -13.75 24.30
C ALA B 452 -17.36 -15.04 24.79
N MET B 453 -16.60 -15.98 25.33
CA MET B 453 -17.09 -17.28 25.81
C MET B 453 -17.68 -17.12 27.22
N GLY B 454 -17.58 -15.96 27.83
CA GLY B 454 -18.05 -15.71 29.20
C GLY B 454 -17.16 -16.32 30.26
N LYS B 455 -15.88 -16.63 29.95
CA LYS B 455 -14.92 -17.25 30.88
C LYS B 455 -14.19 -16.22 31.75
N ILE B 456 -14.00 -15.00 31.26
CA ILE B 456 -13.37 -13.91 32.05
C ILE B 456 -14.13 -12.63 31.84
N PRO B 457 -14.03 -11.68 32.79
CA PRO B 457 -14.66 -10.40 32.65
C PRO B 457 -13.92 -9.46 31.69
N GLU B 458 -14.61 -8.44 31.23
CA GLU B 458 -14.10 -7.49 30.22
C GLU B 458 -12.78 -6.87 30.72
N ASP B 459 -12.67 -6.59 32.00
CA ASP B 459 -11.48 -5.89 32.53
C ASP B 459 -10.25 -6.80 32.54
N GLU B 460 -10.33 -8.07 32.14
CA GLU B 460 -9.15 -8.97 32.16
C GLU B 460 -8.65 -9.12 30.70
N ILE B 461 -9.33 -8.50 29.74
CA ILE B 461 -8.86 -8.63 28.33
C ILE B 461 -7.46 -8.03 28.16
N TRP B 462 -7.27 -6.83 28.67
CA TRP B 462 -5.98 -6.12 28.65
C TRP B 462 -5.35 -6.25 30.02
N GLN B 463 -4.18 -6.84 30.10
CA GLN B 463 -3.52 -7.20 31.39
C GLN B 463 -2.11 -6.57 31.40
N SER B 464 -1.75 -5.92 32.49
CA SER B 464 -0.39 -5.40 32.73
C SER B 464 0.57 -6.59 32.95
N GLU B 465 1.85 -6.35 32.80
CA GLU B 465 2.91 -7.39 32.93
C GLU B 465 3.89 -6.92 33.99
N PRO B 466 4.13 -7.73 35.01
CA PRO B 466 5.14 -7.41 36.03
C PRO B 466 6.50 -7.24 35.35
N GLU B 467 7.31 -6.36 35.90
CA GLU B 467 8.67 -6.12 35.38
C GLU B 467 9.52 -7.38 35.55
N SER B 468 10.30 -7.75 34.54
CA SER B 468 11.29 -8.84 34.62
C SER B 468 12.27 -8.60 35.78
N VAL B 469 12.55 -9.62 36.57
CA VAL B 469 13.60 -9.54 37.63
C VAL B 469 14.98 -9.63 36.97
N ASP B 470 15.11 -10.27 35.82
CA ASP B 470 16.39 -10.59 35.17
C ASP B 470 16.87 -9.41 34.32
N VAL B 471 15.92 -8.66 33.78
CA VAL B 471 16.20 -7.55 32.84
C VAL B 471 15.43 -6.33 33.29
N PRO B 472 15.74 -5.77 34.47
CA PRO B 472 15.05 -4.58 34.91
C PRO B 472 15.39 -3.36 34.02
N ALA B 473 14.44 -2.47 33.98
CA ALA B 473 14.61 -1.21 33.21
C ALA B 473 15.18 -0.13 34.13
N GLN B 474 16.18 0.59 33.65
CA GLN B 474 16.65 1.83 34.28
C GLN B 474 15.87 2.96 33.62
N PRO B 475 15.61 4.03 34.39
CA PRO B 475 14.90 5.21 33.87
C PRO B 475 15.64 5.88 32.70
N ILE B 476 14.88 6.44 31.76
CA ILE B 476 15.46 7.29 30.68
C ILE B 476 15.55 8.69 31.28
N THR B 477 16.71 9.29 31.19
CA THR B 477 16.93 10.63 31.74
C THR B 477 17.40 11.56 30.63
N THR B 478 17.26 12.87 30.91
CA THR B 478 17.77 13.96 30.06
C THR B 478 18.50 14.96 30.97
N THR B 479 19.35 15.77 30.40
CA THR B 479 20.07 16.84 31.17
C THR B 479 19.29 18.13 31.02
N PHE B 480 19.53 19.06 31.94
CA PHE B 480 19.03 20.45 31.85
C PHE B 480 19.27 21.04 30.45
N LEU B 481 20.50 20.93 29.96
CA LEU B 481 20.89 21.51 28.65
C LEU B 481 20.10 20.83 27.53
N GLU B 482 20.00 19.50 27.56
CA GLU B 482 19.17 18.79 26.54
C GLU B 482 17.74 19.33 26.55
N ARG B 483 17.16 19.62 27.73
CA ARG B 483 15.74 20.02 27.79
C ARG B 483 15.62 21.46 27.30
N HIS B 484 16.61 22.33 27.57
CA HIS B 484 16.40 23.79 27.40
C HIS B 484 17.23 24.47 26.31
N LEU B 485 18.21 23.82 25.71
CA LEU B 485 18.93 24.46 24.60
C LEU B 485 17.97 24.79 23.48
N PRO B 486 18.13 25.95 22.82
CA PRO B 486 17.24 26.30 21.73
C PRO B 486 17.49 25.40 20.51
N SER B 487 16.48 25.35 19.65
CA SER B 487 16.63 24.88 18.25
C SER B 487 17.46 25.88 17.47
N VAL B 488 17.80 25.57 16.22
CA VAL B 488 18.52 26.54 15.35
C VAL B 488 17.59 27.76 15.13
N PRO B 489 16.33 27.62 14.71
CA PRO B 489 15.47 28.80 14.50
C PRO B 489 15.26 29.53 15.84
N GLY B 490 15.27 28.80 16.95
CA GLY B 490 15.17 29.36 18.30
C GLY B 490 16.33 30.28 18.61
N LEU B 491 17.54 29.87 18.22
CA LEU B 491 18.77 30.66 18.43
C LEU B 491 18.68 31.91 17.54
N LEU B 492 18.06 31.80 16.37
CA LEU B 492 17.86 32.91 15.40
C LEU B 492 16.80 33.88 15.94
N ARG B 493 15.68 33.39 16.49
CA ARG B 493 14.63 34.25 17.10
C ARG B 493 15.28 35.12 18.19
N LEU B 494 16.30 34.62 18.90
CA LEU B 494 17.13 35.41 19.85
C LEU B 494 18.17 36.26 19.10
N ILE B 495 18.00 36.53 17.80
CA ILE B 495 18.92 37.40 16.99
C ILE B 495 18.14 37.98 15.80
PA FAD C . -11.47 -5.49 -13.63
O1A FAD C . -11.15 -5.21 -12.15
O2A FAD C . -12.65 -4.87 -14.32
O5B FAD C . -11.55 -7.04 -13.90
C5B FAD C . -10.85 -7.96 -13.05
C4B FAD C . -11.77 -9.19 -12.92
O4B FAD C . -10.98 -10.21 -12.23
C3B FAD C . -13.05 -8.96 -12.17
O3B FAD C . -14.16 -9.41 -12.99
C2B FAD C . -12.83 -9.81 -10.87
O2B FAD C . -14.02 -10.29 -10.31
C1B FAD C . -11.86 -10.88 -11.33
N9A FAD C . -11.04 -11.43 -10.25
C8A FAD C . -10.41 -10.78 -9.24
N7A FAD C . -9.66 -11.63 -8.47
C5A FAD C . -9.83 -12.88 -9.08
C6A FAD C . -9.39 -14.13 -8.74
N6A FAD C . -8.59 -14.43 -7.74
N1A FAD C . -9.74 -15.13 -9.57
C2A FAD C . -10.57 -14.91 -10.60
N3A FAD C . -11.08 -13.73 -10.96
C4A FAD C . -10.67 -12.71 -10.15
N1 FAD C . -13.17 3.65 -16.72
C2 FAD C . -13.56 4.28 -17.88
O2 FAD C . -13.03 3.97 -18.99
N3 FAD C . -14.55 5.25 -17.90
C4 FAD C . -15.19 5.58 -16.72
O4 FAD C . -16.15 6.35 -16.74
C4X FAD C . -14.78 4.99 -15.53
N5 FAD C . -15.34 5.36 -14.33
C5X FAD C . -15.27 4.46 -13.29
C6 FAD C . -16.13 4.58 -12.19
C7 FAD C . -16.22 3.62 -11.18
C7M FAD C . -17.16 3.88 -10.03
C8 FAD C . -15.43 2.47 -11.29
C8M FAD C . -15.54 1.25 -10.39
C9 FAD C . -14.53 2.37 -12.37
C9A FAD C . -14.45 3.33 -13.40
N10 FAD C . -13.58 3.25 -14.44
C10 FAD C . -13.83 3.97 -15.56
C1' FAD C . -12.46 2.31 -14.54
C2' FAD C . -12.83 1.00 -15.30
O2' FAD C . -14.06 0.42 -14.81
C3' FAD C . -11.63 0.01 -15.16
O3' FAD C . -10.45 0.62 -15.63
C4' FAD C . -11.76 -1.25 -16.02
O4' FAD C . -13.08 -1.78 -15.95
C5' FAD C . -10.76 -2.26 -15.49
O5' FAD C . -10.84 -3.48 -16.28
P FAD C . -9.86 -4.68 -15.94
O1P FAD C . -10.33 -5.84 -16.79
O2P FAD C . -8.43 -4.25 -16.00
O3P FAD C . -10.16 -5.02 -14.40
C1 A1JC6 D . -13.97 11.65 -14.40
C6 A1JC6 D . -12.58 11.78 -14.37
C7 A1JC6 D . -12.48 14.26 -14.13
C9 A1JC6 D . -12.31 16.82 -13.96
C5 A1JC6 D . -11.82 10.63 -14.44
C4 A1JC6 D . -12.41 9.39 -14.48
C3 A1JC6 D . -13.78 9.24 -14.60
C12 A1JC6 D . -13.43 19.41 -14.12
C2 A1JC6 D . -14.53 10.41 -14.54
N1 A1JC6 D . -15.99 10.31 -14.63
O1 A1JC6 D . -16.68 11.33 -14.50
O2 A1JC6 D . -16.44 9.19 -14.80
C8 A1JC6 D . -11.70 15.46 -13.87
O3 A1JC6 D . -10.50 15.35 -13.59
C10 A1JC6 D . -13.49 17.07 -14.65
C11 A1JC6 D . -14.03 18.33 -14.71
C13 A1JC6 D . -12.24 19.16 -13.44
C14 A1JC6 D . -11.72 17.90 -13.34
C15 A1JC6 D . -11.59 20.28 -12.74
F1 A1JC6 D . -10.63 19.87 -11.90
F2 A1JC6 D . -12.50 20.91 -11.99
F3 A1JC6 D . -11.04 21.18 -13.54
C16 A1JC6 D . -11.94 13.06 -14.22
C1 C15 E . 7.71 27.32 -3.15
C2 C15 E . 6.57 28.32 -3.01
C3 C15 E . 5.70 28.02 -1.81
N1 C15 E . 4.45 28.86 -1.67
C1N C15 E . 3.55 28.68 -2.85
C2N C15 E . 3.76 28.39 -0.46
C12 C15 E . 7.87 33.91 0.49
C13 C15 E . 7.24 32.54 0.56
C14 C15 E . 6.05 32.23 -0.35
C15 C15 E . 5.76 30.71 -0.41
C16 C15 E . 4.81 30.34 -1.55
S1 C15 E . 9.11 28.08 -3.93
O1S C15 E . 10.10 27.04 -4.03
O2S C15 E . 9.42 29.24 -3.13
O3S C15 E . 8.55 28.51 -5.33
PA FAD F . 4.90 -13.50 12.05
O1A FAD F . 4.95 -12.87 10.68
O2A FAD F . 6.17 -13.90 12.70
O5B FAD F . 4.01 -14.81 12.06
C5B FAD F . 2.92 -14.98 11.13
C4B FAD F . 2.91 -16.45 10.75
O4B FAD F . 1.77 -16.60 9.88
C3B FAD F . 4.10 -16.93 9.93
O3B FAD F . 4.66 -18.11 10.55
C2B FAD F . 3.52 -17.19 8.53
O2B FAD F . 4.19 -18.21 7.81
C1B FAD F . 2.08 -17.49 8.83
N9A FAD F . 1.11 -17.26 7.75
C8A FAD F . 1.03 -16.22 6.87
N7A FAD F . -0.02 -16.30 6.04
C5A FAD F . -0.62 -17.49 6.41
C6A FAD F . -1.77 -18.11 5.92
N6A FAD F . -2.50 -17.69 4.92
N1A FAD F . -2.10 -19.30 6.52
C2A FAD F . -1.42 -19.82 7.56
N3A FAD F . -0.30 -19.27 8.07
C4A FAD F . 0.04 -18.08 7.49
N1 FAD F . 11.76 -8.03 16.58
C2 FAD F . 12.31 -7.92 17.83
O2 FAD F . 11.63 -8.04 18.86
N3 FAD F . 13.68 -7.84 17.92
C4 FAD F . 14.44 -7.71 16.79
O4 FAD F . 15.70 -7.71 16.89
C4X FAD F . 13.87 -7.75 15.55
N5 FAD F . 14.63 -7.64 14.40
C5X FAD F . 14.05 -8.07 13.23
C6 FAD F . 14.86 -8.31 12.10
C7 FAD F . 14.40 -8.92 10.92
C7M FAD F . 15.35 -9.08 9.77
C8 FAD F . 13.08 -9.36 10.89
C8M FAD F . 12.49 -10.21 9.79
C9 FAD F . 12.29 -9.13 12.04
C9A FAD F . 12.70 -8.46 13.21
N10 FAD F . 11.89 -8.19 14.27
C10 FAD F . 12.50 -7.97 15.45
C1' FAD F . 10.39 -8.31 14.18
C2' FAD F . 9.87 -9.58 14.79
O2' FAD F . 10.51 -10.72 14.14
C3' FAD F . 8.35 -9.62 14.53
O3' FAD F . 7.73 -8.50 15.16
C4' FAD F . 7.59 -10.83 15.13
O4' FAD F . 8.36 -12.01 14.81
C5' FAD F . 6.22 -10.90 14.42
O5' FAD F . 5.53 -12.02 15.05
P FAD F . 4.03 -12.30 14.58
O1P FAD F . 3.66 -13.61 15.20
O2P FAD F . 3.16 -11.13 14.76
O3P FAD F . 4.13 -12.47 12.98
C1 A1JC6 G . 17.43 -1.88 15.68
C6 A1JC6 G . 16.42 -0.94 15.71
C7 A1JC6 G . 17.87 1.10 15.97
C9 A1JC6 G . 19.30 3.20 16.20
C5 A1JC6 G . 15.11 -1.37 15.55
C4 A1JC6 G . 14.79 -2.70 15.40
C3 A1JC6 G . 15.80 -3.65 15.39
C12 A1JC6 G . 21.75 4.47 16.73
C2 A1JC6 G . 17.10 -3.21 15.57
N1 A1JC6 G . 18.17 -4.18 15.59
O1 A1JC6 G . 19.33 -3.81 15.65
O2 A1JC6 G . 17.82 -5.30 15.31
C8 A1JC6 G . 18.00 2.55 15.89
O3 A1JC6 G . 16.99 3.28 15.54
C10 A1JC6 G . 20.34 2.55 16.89
C11 A1JC6 G . 21.51 3.20 17.18
C13 A1JC6 G . 20.73 5.10 16.01
C14 A1JC6 G . 19.55 4.46 15.77
C15 A1JC6 G . 20.99 6.45 15.47
F1 A1JC6 G . 20.05 6.95 14.64
F2 A1JC6 G . 22.09 6.39 14.74
F3 A1JC6 G . 21.18 7.37 16.42
C16 A1JC6 G . 16.72 0.49 15.81
C1 C15 H . 11.13 25.11 8.08
C2 C15 H . 12.60 25.41 7.89
C3 C15 H . 13.03 24.88 6.55
N1 C15 H . 14.50 24.56 6.41
C1N C15 H . 14.97 23.69 7.55
C2N C15 H . 14.68 23.85 5.13
C16 C15 H . 15.32 25.84 6.40
S1 C15 H . 10.17 26.52 8.51
O1S C15 H . 8.83 26.14 8.23
O2S C15 H . 10.75 27.65 7.84
O3S C15 H . 10.47 26.66 10.04
#